data_6LOO
#
_entry.id   6LOO
#
_cell.length_a   50.870
_cell.length_b   53.480
_cell.length_c   76.540
_cell.angle_alpha   94.630
_cell.angle_beta   104.720
_cell.angle_gamma   113.330
#
_symmetry.space_group_name_H-M   'P 1'
#
loop_
_entity.id
_entity.type
_entity.pdbx_description
1 polymer 'Tetraprenyl-beta-curcumene synthase'
2 non-polymer 'phosphono [(3~{S},6~{E},10~{E})-3,7,11,15-tetramethylhexadeca-6,10,14-trienyl] hydrogen phosphate'
3 non-polymer 'phosphono [(3~{R},6~{E},10~{E})-3,7,11,15-tetramethylhexadeca-6,10,14-trienyl] hydrogen phosphate'
4 water water
#
_entity_poly.entity_id   1
_entity_poly.type   'polypeptide(L)'
_entity_poly.pdbx_seq_one_letter_code
;GSHMKVPTQPIPLMMNIFRDVLPTVHRYYDQWKERAKSIPDPELRAQALDALERKEFHCEGGGIYGLLARDRFDELIQFI
IAYQIMCDYLDNLCDQSDYLDPKDFRSLHNALLAALTPGEPLVNYYQYRIEQEDGGYLHELIETCQHILVTFPSFRMVQE
NMLELSQLYGDLQVHKHVVKEERIPRLEAWFNEHKEKMPEMTWFEFSACTGSTLGVYTLATYATKEGLTSEQADVIKAGY
FPWVQGVHLLLDYFIDQEEDIADDELNFLFYYENEEQMIERFQYFVQKAEESLSTLPDPKFHRHIWRGIIAIYLSDEKVQ
KNKELKKKSKQMIKMGGLPSLLFYLNSWIYRRDK
;
_entity_poly.pdbx_strand_id   A,B
#
# COMPACT_ATOMS: atom_id res chain seq x y z
N LYS A 5 -11.02 -0.11 -23.59
CA LYS A 5 -10.39 1.21 -23.22
C LYS A 5 -9.62 1.11 -21.90
N VAL A 6 -8.50 1.83 -21.82
CA VAL A 6 -7.53 1.79 -20.70
C VAL A 6 -8.24 2.26 -19.42
N PRO A 7 -7.94 1.68 -18.24
CA PRO A 7 -8.45 2.21 -16.98
C PRO A 7 -7.85 3.60 -16.67
N THR A 8 -8.72 4.57 -16.35
CA THR A 8 -8.33 5.95 -16.01
C THR A 8 -8.81 6.34 -14.61
N GLN A 9 -9.47 5.45 -13.87
CA GLN A 9 -9.86 5.67 -12.46
C GLN A 9 -8.86 4.94 -11.56
N PRO A 10 -8.47 5.55 -10.42
CA PRO A 10 -7.44 4.97 -9.55
C PRO A 10 -7.62 3.49 -9.20
N ILE A 11 -8.83 3.07 -8.81
CA ILE A 11 -9.04 1.69 -8.28
C ILE A 11 -8.79 0.66 -9.37
N PRO A 12 -9.43 0.72 -10.56
CA PRO A 12 -9.20 -0.28 -11.60
C PRO A 12 -7.78 -0.20 -12.19
N LEU A 13 -7.21 1.00 -12.22
CA LEU A 13 -5.83 1.22 -12.74
C LEU A 13 -4.87 0.52 -11.77
N MET A 14 -5.02 0.73 -10.46
CA MET A 14 -4.16 0.07 -9.46
C MET A 14 -4.41 -1.45 -9.48
N MET A 15 -5.66 -1.88 -9.67
CA MET A 15 -6.00 -3.32 -9.62
C MET A 15 -5.29 -4.01 -10.79
N ASN A 16 -5.35 -3.41 -11.97
CA ASN A 16 -4.72 -3.94 -13.22
C ASN A 16 -3.18 -3.95 -13.08
N ILE A 17 -2.62 -2.98 -12.36
CA ILE A 17 -1.14 -2.94 -12.12
C ILE A 17 -0.74 -4.16 -11.30
N PHE A 18 -1.45 -4.44 -10.20
CA PHE A 18 -1.06 -5.52 -9.26
C PHE A 18 -1.42 -6.88 -9.84
N ARG A 19 -2.53 -6.99 -10.56
CA ARG A 19 -3.02 -8.29 -11.09
C ARG A 19 -2.28 -8.65 -12.38
N ASP A 20 -2.14 -7.71 -13.32
CA ASP A 20 -1.68 -8.04 -14.70
C ASP A 20 -0.26 -7.51 -14.94
N VAL A 21 0.02 -6.24 -14.64
CA VAL A 21 1.28 -5.59 -15.11
C VAL A 21 2.48 -6.21 -14.38
N LEU A 22 2.48 -6.19 -13.06
CA LEU A 22 3.67 -6.57 -12.25
C LEU A 22 3.98 -8.05 -12.44
N PRO A 23 2.98 -8.98 -12.32
CA PRO A 23 3.25 -10.40 -12.59
C PRO A 23 3.83 -10.60 -14.00
N THR A 24 3.34 -9.87 -15.01
CA THR A 24 3.81 -10.03 -16.43
C THR A 24 5.23 -9.45 -16.57
N VAL A 25 5.47 -8.28 -16.01
CA VAL A 25 6.83 -7.66 -15.97
C VAL A 25 7.81 -8.70 -15.40
N HIS A 26 7.48 -9.29 -14.25
CA HIS A 26 8.41 -10.14 -13.45
C HIS A 26 8.60 -11.50 -14.14
N ARG A 27 7.61 -11.98 -14.90
CA ARG A 27 7.77 -13.22 -15.71
C ARG A 27 8.96 -13.01 -16.68
N TYR A 28 9.03 -11.85 -17.31
CA TYR A 28 10.07 -11.55 -18.34
C TYR A 28 11.37 -11.12 -17.64
N TYR A 29 11.26 -10.25 -16.65
CA TYR A 29 12.41 -9.77 -15.85
C TYR A 29 13.19 -10.94 -15.23
N ASP A 30 12.48 -11.86 -14.56
CA ASP A 30 13.09 -13.01 -13.83
C ASP A 30 13.83 -13.91 -14.82
N GLN A 31 13.33 -14.03 -16.06
CA GLN A 31 14.01 -14.80 -17.13
C GLN A 31 15.34 -14.10 -17.50
N TRP A 32 15.38 -12.78 -17.57
CA TRP A 32 16.63 -12.03 -17.88
C TRP A 32 17.61 -12.21 -16.71
N LYS A 33 17.11 -12.23 -15.48
CA LYS A 33 17.97 -12.44 -14.28
C LYS A 33 18.67 -13.79 -14.42
N GLU A 34 17.94 -14.86 -14.72
CA GLU A 34 18.54 -16.21 -14.92
C GLU A 34 19.60 -16.14 -16.01
N ARG A 35 19.26 -15.54 -17.15
CA ARG A 35 20.18 -15.44 -18.30
C ARG A 35 21.46 -14.70 -17.85
N ALA A 36 21.33 -13.60 -17.11
CA ALA A 36 22.46 -12.75 -16.67
C ALA A 36 23.42 -13.55 -15.78
N LYS A 37 22.88 -14.47 -14.97
CA LYS A 37 23.70 -15.29 -14.03
C LYS A 37 24.72 -16.11 -14.83
N SER A 38 24.42 -16.47 -16.08
CA SER A 38 25.28 -17.33 -16.94
C SER A 38 26.27 -16.50 -17.76
N ILE A 39 26.28 -15.16 -17.61
CA ILE A 39 27.28 -14.28 -18.30
C ILE A 39 28.68 -14.75 -17.89
N PRO A 40 29.53 -15.21 -18.84
CA PRO A 40 30.89 -15.68 -18.51
C PRO A 40 31.82 -14.64 -17.86
N ASP A 41 31.90 -13.43 -18.40
CA ASP A 41 32.82 -12.39 -17.88
C ASP A 41 32.31 -11.94 -16.51
N PRO A 42 33.14 -12.07 -15.45
CA PRO A 42 32.69 -11.77 -14.10
C PRO A 42 32.31 -10.30 -13.88
N GLU A 43 32.91 -9.38 -14.63
CA GLU A 43 32.60 -7.93 -14.52
C GLU A 43 31.28 -7.61 -15.27
N LEU A 44 31.10 -8.10 -16.50
CA LEU A 44 29.84 -7.92 -17.27
C LEU A 44 28.69 -8.53 -16.45
N ARG A 45 28.89 -9.75 -15.93
CA ARG A 45 27.91 -10.43 -15.06
C ARG A 45 27.51 -9.54 -13.86
N ALA A 46 28.50 -9.03 -13.11
CA ALA A 46 28.25 -8.20 -11.91
C ALA A 46 27.42 -6.97 -12.26
N GLN A 47 27.75 -6.34 -13.39
CA GLN A 47 27.13 -5.06 -13.81
C GLN A 47 25.69 -5.33 -14.25
N ALA A 48 25.47 -6.45 -14.96
CA ALA A 48 24.14 -6.93 -15.40
C ALA A 48 23.27 -7.23 -14.17
N LEU A 49 23.79 -8.00 -13.22
CA LEU A 49 23.03 -8.43 -12.03
C LEU A 49 22.74 -7.22 -11.13
N ASP A 50 23.68 -6.29 -11.05
CA ASP A 50 23.49 -5.08 -10.21
C ASP A 50 22.30 -4.27 -10.74
N ALA A 51 22.24 -4.05 -12.06
CA ALA A 51 21.16 -3.27 -12.71
C ALA A 51 19.83 -4.00 -12.47
N LEU A 52 19.83 -5.32 -12.65
CA LEU A 52 18.63 -6.15 -12.41
C LEU A 52 18.23 -6.09 -10.93
N GLU A 53 19.20 -6.11 -10.02
CA GLU A 53 18.95 -6.15 -8.56
C GLU A 53 18.36 -4.82 -8.12
N ARG A 54 18.85 -3.70 -8.66
CA ARG A 54 18.59 -2.35 -8.10
C ARG A 54 17.54 -1.58 -8.90
N LYS A 55 17.26 -1.93 -10.16
CA LYS A 55 16.50 -1.03 -11.09
C LYS A 55 15.20 -1.69 -11.58
N GLU A 56 14.66 -2.60 -10.79
CA GLU A 56 13.39 -3.33 -11.03
C GLU A 56 12.27 -2.33 -11.28
N PHE A 57 12.20 -1.29 -10.48
CA PHE A 57 11.12 -0.28 -10.55
C PHE A 57 11.05 0.34 -11.96
N HIS A 58 12.18 0.49 -12.67
CA HIS A 58 12.15 1.07 -14.04
C HIS A 58 11.28 0.19 -14.96
N CYS A 59 11.45 -1.13 -14.90
CA CYS A 59 10.67 -2.07 -15.74
C CYS A 59 9.22 -2.16 -15.24
N GLU A 60 9.02 -2.15 -13.91
CA GLU A 60 7.69 -2.27 -13.27
C GLU A 60 6.85 -1.07 -13.71
N GLY A 61 7.41 0.14 -13.63
CA GLY A 61 6.77 1.40 -14.07
C GLY A 61 6.58 1.43 -15.57
N GLY A 62 7.62 1.06 -16.32
CA GLY A 62 7.63 1.03 -17.79
C GLY A 62 6.54 0.10 -18.31
N GLY A 63 6.31 -1.00 -17.60
CA GLY A 63 5.35 -2.03 -18.01
C GLY A 63 3.92 -1.52 -17.96
N ILE A 64 3.66 -0.48 -17.18
CA ILE A 64 2.29 0.06 -17.00
C ILE A 64 1.74 0.51 -18.37
N TYR A 65 2.58 0.92 -19.32
CA TYR A 65 2.13 1.28 -20.69
C TYR A 65 1.42 0.09 -21.36
N GLY A 66 1.72 -1.14 -20.97
CA GLY A 66 0.98 -2.35 -21.39
C GLY A 66 -0.52 -2.15 -21.38
N LEU A 67 -1.05 -1.37 -20.43
CA LEU A 67 -2.51 -1.23 -20.21
C LEU A 67 -3.14 -0.47 -21.41
N LEU A 68 -2.35 0.29 -22.17
CA LEU A 68 -2.85 1.05 -23.35
C LEU A 68 -2.98 0.12 -24.58
N ALA A 69 -2.44 -1.09 -24.53
CA ALA A 69 -2.42 -1.99 -25.70
C ALA A 69 -2.64 -3.43 -25.27
N ARG A 70 -3.82 -3.70 -24.70
CA ARG A 70 -4.23 -5.01 -24.12
C ARG A 70 -4.05 -6.14 -25.13
N ASP A 71 -4.30 -5.88 -26.40
CA ASP A 71 -4.29 -6.89 -27.48
C ASP A 71 -2.86 -7.29 -27.80
N ARG A 72 -1.86 -6.49 -27.39
CA ARG A 72 -0.42 -6.85 -27.55
C ARG A 72 0.27 -6.84 -26.18
N PHE A 73 -0.49 -7.05 -25.10
CA PHE A 73 -0.06 -6.81 -23.70
C PHE A 73 1.35 -7.38 -23.47
N ASP A 74 1.51 -8.68 -23.72
CA ASP A 74 2.73 -9.42 -23.33
C ASP A 74 3.91 -8.96 -24.20
N GLU A 75 3.70 -8.76 -25.51
CA GLU A 75 4.75 -8.37 -26.48
C GLU A 75 5.28 -6.98 -26.13
N LEU A 76 4.38 -6.06 -25.84
CA LEU A 76 4.77 -4.66 -25.56
C LEU A 76 5.59 -4.60 -24.27
N ILE A 77 5.16 -5.31 -23.22
CA ILE A 77 5.90 -5.37 -21.94
C ILE A 77 7.26 -6.02 -22.21
N GLN A 78 7.31 -7.09 -23.00
CA GLN A 78 8.58 -7.75 -23.35
C GLN A 78 9.56 -6.75 -23.99
N PHE A 79 9.07 -5.91 -24.91
CA PHE A 79 9.90 -4.88 -25.57
C PHE A 79 10.40 -3.89 -24.52
N ILE A 80 9.49 -3.32 -23.74
CA ILE A 80 9.83 -2.26 -22.74
C ILE A 80 10.87 -2.81 -21.76
N ILE A 81 10.67 -4.04 -21.30
CA ILE A 81 11.56 -4.66 -20.29
C ILE A 81 12.95 -4.92 -20.90
N ALA A 82 13.03 -5.42 -22.14
CA ALA A 82 14.31 -5.71 -22.83
C ALA A 82 15.05 -4.38 -23.02
N TYR A 83 14.36 -3.37 -23.52
CA TYR A 83 14.98 -2.06 -23.81
C TYR A 83 15.44 -1.43 -22.48
N GLN A 84 14.61 -1.49 -21.43
CA GLN A 84 14.92 -0.83 -20.13
C GLN A 84 16.06 -1.61 -19.47
N ILE A 85 16.04 -2.93 -19.56
CA ILE A 85 17.15 -3.73 -18.98
C ILE A 85 18.46 -3.30 -19.65
N MET A 86 18.46 -3.13 -20.98
CA MET A 86 19.65 -2.71 -21.75
C MET A 86 20.14 -1.36 -21.23
N CYS A 87 19.26 -0.37 -21.15
CA CYS A 87 19.61 0.99 -20.65
C CYS A 87 20.32 0.90 -19.30
N ASP A 88 19.79 0.13 -18.36
CA ASP A 88 20.34 0.09 -16.98
C ASP A 88 21.65 -0.71 -16.96
N TYR A 89 21.76 -1.77 -17.76
CA TYR A 89 23.01 -2.54 -17.95
C TYR A 89 24.10 -1.63 -18.53
N LEU A 90 23.78 -0.90 -19.62
CA LEU A 90 24.78 -0.07 -20.33
C LEU A 90 25.19 1.11 -19.45
N ASP A 91 24.26 1.64 -18.65
CA ASP A 91 24.54 2.76 -17.71
C ASP A 91 25.59 2.29 -16.68
N ASN A 92 25.37 1.13 -16.05
CA ASN A 92 26.35 0.44 -15.16
C ASN A 92 27.71 0.29 -15.86
N LEU A 93 27.74 -0.26 -17.07
CA LEU A 93 29.00 -0.48 -17.82
C LEU A 93 29.74 0.85 -18.02
N CYS A 94 29.05 1.92 -18.36
CA CYS A 94 29.67 3.25 -18.55
C CYS A 94 30.08 3.83 -17.18
N ASP A 95 29.24 3.64 -16.17
CA ASP A 95 29.44 4.20 -14.80
C ASP A 95 30.70 3.57 -14.16
N GLN A 96 30.94 2.27 -14.41
CA GLN A 96 31.96 1.45 -13.69
C GLN A 96 33.21 1.21 -14.55
N SER A 97 33.27 1.79 -15.76
CA SER A 97 34.46 1.72 -16.65
C SER A 97 35.66 2.35 -15.92
N ASP A 98 36.79 1.63 -15.83
CA ASP A 98 38.09 2.17 -15.36
C ASP A 98 38.76 2.99 -16.49
N TYR A 99 38.28 2.88 -17.72
CA TYR A 99 38.97 3.35 -18.95
C TYR A 99 38.43 4.70 -19.42
N LEU A 100 37.12 4.92 -19.29
CA LEU A 100 36.44 6.19 -19.65
C LEU A 100 36.68 6.52 -21.13
N ASP A 101 36.64 5.53 -22.02
CA ASP A 101 36.74 5.75 -23.49
C ASP A 101 35.36 6.04 -24.06
N PRO A 102 35.10 7.24 -24.61
CA PRO A 102 33.80 7.57 -25.20
C PRO A 102 33.41 6.67 -26.38
N LYS A 103 34.40 6.12 -27.10
CA LYS A 103 34.15 5.19 -28.22
C LYS A 103 33.44 3.95 -27.66
N ASP A 104 33.84 3.52 -26.46
CA ASP A 104 33.22 2.37 -25.76
C ASP A 104 31.79 2.75 -25.38
N PHE A 105 31.60 3.93 -24.78
CA PHE A 105 30.26 4.39 -24.35
C PHE A 105 29.36 4.48 -25.57
N ARG A 106 29.85 5.08 -26.65
CA ARG A 106 29.06 5.24 -27.89
C ARG A 106 28.76 3.85 -28.44
N SER A 107 29.75 2.96 -28.51
CA SER A 107 29.56 1.62 -29.14
C SER A 107 28.47 0.84 -28.39
N LEU A 108 28.48 0.89 -27.06
CA LEU A 108 27.51 0.20 -26.19
C LEU A 108 26.11 0.76 -26.46
N HIS A 109 25.96 2.08 -26.54
CA HIS A 109 24.62 2.72 -26.68
C HIS A 109 24.08 2.47 -28.08
N ASN A 110 24.94 2.16 -29.06
CA ASN A 110 24.48 1.79 -30.42
C ASN A 110 23.62 0.52 -30.34
N ALA A 111 23.75 -0.30 -29.29
CA ALA A 111 22.88 -1.48 -29.04
C ALA A 111 21.41 -1.05 -28.96
N LEU A 112 21.12 0.08 -28.31
CA LEU A 112 19.72 0.59 -28.19
C LEU A 112 19.18 0.93 -29.58
N LEU A 113 19.99 1.54 -30.45
CA LEU A 113 19.57 1.93 -31.83
C LEU A 113 19.33 0.67 -32.68
N ALA A 114 20.17 -0.37 -32.52
CA ALA A 114 19.98 -1.67 -33.20
C ALA A 114 18.66 -2.29 -32.74
N ALA A 115 18.33 -2.20 -31.45
CA ALA A 115 17.08 -2.71 -30.85
C ALA A 115 15.87 -2.11 -31.58
N LEU A 116 16.00 -0.88 -32.06
CA LEU A 116 14.91 -0.08 -32.68
C LEU A 116 14.99 -0.16 -34.21
N THR A 117 15.89 -1.02 -34.75
CA THR A 117 16.15 -1.14 -36.22
C THR A 117 16.09 -2.62 -36.58
N PRO A 118 14.90 -3.20 -36.82
CA PRO A 118 14.79 -4.62 -37.20
C PRO A 118 15.72 -4.90 -38.39
N GLY A 119 16.39 -6.06 -38.35
CA GLY A 119 17.31 -6.49 -39.40
C GLY A 119 18.66 -5.81 -39.34
N GLU A 120 18.87 -4.81 -38.47
CA GLU A 120 20.22 -4.25 -38.19
C GLU A 120 21.15 -5.41 -37.79
N PRO A 121 22.29 -5.57 -38.49
CA PRO A 121 23.19 -6.68 -38.20
C PRO A 121 23.87 -6.42 -36.85
N LEU A 122 23.93 -7.44 -35.99
CA LEU A 122 24.48 -7.30 -34.62
C LEU A 122 26.01 -7.36 -34.70
N VAL A 123 26.67 -6.38 -34.07
CA VAL A 123 28.15 -6.21 -34.04
C VAL A 123 28.64 -6.54 -32.63
N ASN A 124 29.96 -6.49 -32.43
CA ASN A 124 30.57 -6.56 -31.10
C ASN A 124 30.45 -5.17 -30.47
N TYR A 125 29.42 -4.95 -29.65
CA TYR A 125 29.17 -3.66 -28.94
C TYR A 125 30.28 -3.45 -27.90
N TYR A 126 30.98 -4.52 -27.51
CA TYR A 126 32.07 -4.50 -26.50
C TYR A 126 33.45 -4.26 -27.12
N GLN A 127 33.53 -3.85 -28.38
CA GLN A 127 34.79 -3.89 -29.19
C GLN A 127 35.82 -2.89 -28.63
N TYR A 128 35.40 -1.86 -27.88
CA TYR A 128 36.31 -0.81 -27.37
C TYR A 128 36.63 -0.99 -25.87
N ARG A 129 36.35 -2.16 -25.31
CA ARG A 129 36.64 -2.44 -23.88
C ARG A 129 37.22 -3.85 -23.79
N ILE A 130 37.76 -4.20 -22.62
CA ILE A 130 38.51 -5.46 -22.39
C ILE A 130 37.52 -6.60 -22.21
N GLU A 131 36.41 -6.34 -21.51
CA GLU A 131 35.35 -7.33 -21.19
C GLU A 131 34.40 -7.45 -22.40
N GLN A 132 34.31 -8.64 -22.98
CA GLN A 132 33.52 -8.89 -24.22
C GLN A 132 32.75 -10.22 -24.21
N GLU A 133 32.92 -11.10 -23.21
CA GLU A 133 32.24 -12.43 -23.19
C GLU A 133 30.97 -12.35 -22.34
N ASP A 134 29.82 -12.07 -22.97
CA ASP A 134 28.52 -11.91 -22.26
C ASP A 134 27.61 -13.11 -22.58
N GLY A 135 28.10 -14.08 -23.35
CA GLY A 135 27.33 -15.29 -23.73
C GLY A 135 26.07 -14.95 -24.54
N GLY A 136 26.06 -13.82 -25.25
CA GLY A 136 24.95 -13.40 -26.12
C GLY A 136 23.91 -12.52 -25.41
N TYR A 137 24.12 -12.15 -24.15
CA TYR A 137 23.15 -11.37 -23.34
C TYR A 137 22.64 -10.16 -24.13
N LEU A 138 23.56 -9.28 -24.55
CA LEU A 138 23.17 -7.99 -25.17
C LEU A 138 22.48 -8.29 -26.49
N HIS A 139 23.04 -9.19 -27.31
CA HIS A 139 22.43 -9.63 -28.59
C HIS A 139 21.00 -10.12 -28.36
N GLU A 140 20.78 -10.94 -27.33
N GLU A 140 20.77 -10.95 -27.33
CA GLU A 140 19.46 -11.55 -27.03
CA GLU A 140 19.44 -11.56 -27.05
C GLU A 140 18.48 -10.41 -26.74
C GLU A 140 18.45 -10.45 -26.68
N LEU A 141 18.91 -9.44 -25.94
CA LEU A 141 18.09 -8.25 -25.60
C LEU A 141 17.75 -7.48 -26.87
N ILE A 142 18.72 -7.27 -27.78
CA ILE A 142 18.51 -6.48 -29.02
C ILE A 142 17.49 -7.20 -29.90
N GLU A 143 17.68 -8.49 -30.15
CA GLU A 143 16.83 -9.27 -31.08
C GLU A 143 15.40 -9.33 -30.53
N THR A 144 15.29 -9.39 -29.20
CA THR A 144 13.97 -9.43 -28.51
C THR A 144 13.18 -8.22 -28.99
N CYS A 145 13.78 -7.03 -28.90
CA CYS A 145 13.17 -5.75 -29.30
C CYS A 145 12.86 -5.78 -30.81
N GLN A 146 13.85 -6.13 -31.62
CA GLN A 146 13.76 -6.14 -33.11
C GLN A 146 12.57 -6.99 -33.56
N HIS A 147 12.44 -8.19 -33.02
CA HIS A 147 11.46 -9.21 -33.44
C HIS A 147 10.06 -8.80 -32.96
N ILE A 148 9.96 -8.04 -31.87
CA ILE A 148 8.63 -7.59 -31.35
C ILE A 148 8.17 -6.39 -32.16
N LEU A 149 9.03 -5.37 -32.31
CA LEU A 149 8.64 -4.07 -32.90
C LEU A 149 8.14 -4.28 -34.32
N VAL A 150 8.82 -5.14 -35.09
CA VAL A 150 8.52 -5.33 -36.54
C VAL A 150 7.08 -5.82 -36.68
N THR A 151 6.51 -6.45 -35.63
CA THR A 151 5.12 -7.00 -35.64
C THR A 151 4.09 -5.92 -35.26
N PHE A 152 4.49 -4.70 -34.94
CA PHE A 152 3.53 -3.64 -34.52
C PHE A 152 3.08 -2.89 -35.77
N PRO A 153 1.75 -2.76 -36.02
CA PRO A 153 1.24 -2.25 -37.29
C PRO A 153 1.72 -0.86 -37.70
N SER A 154 2.00 -0.01 -36.71
CA SER A 154 2.43 1.39 -36.97
C SER A 154 3.85 1.63 -36.45
N PHE A 155 4.65 0.57 -36.24
CA PHE A 155 6.08 0.70 -35.84
C PHE A 155 6.79 1.56 -36.89
N ARG A 156 6.54 1.29 -38.17
CA ARG A 156 7.22 2.03 -39.26
C ARG A 156 6.93 3.54 -39.12
N MET A 157 5.75 3.94 -38.64
CA MET A 157 5.39 5.38 -38.52
C MET A 157 6.13 6.05 -37.35
N VAL A 158 6.48 5.30 -36.29
CA VAL A 158 7.08 5.88 -35.04
C VAL A 158 8.59 5.61 -34.97
N GLN A 159 9.12 4.66 -35.76
CA GLN A 159 10.54 4.23 -35.71
C GLN A 159 11.46 5.45 -35.70
N GLU A 160 11.32 6.37 -36.66
CA GLU A 160 12.24 7.53 -36.79
C GLU A 160 12.23 8.31 -35.47
N ASN A 161 11.06 8.56 -34.87
CA ASN A 161 10.95 9.34 -33.61
C ASN A 161 11.58 8.55 -32.45
N MET A 162 11.45 7.23 -32.42
CA MET A 162 12.04 6.42 -31.34
C MET A 162 13.57 6.50 -31.44
N LEU A 163 14.11 6.48 -32.67
CA LEU A 163 15.56 6.52 -32.94
C LEU A 163 16.11 7.88 -32.53
N GLU A 164 15.35 8.94 -32.82
N GLU A 164 15.37 8.96 -32.82
CA GLU A 164 15.71 10.33 -32.45
CA GLU A 164 15.80 10.32 -32.43
C GLU A 164 15.91 10.40 -30.94
C GLU A 164 15.94 10.39 -30.91
N LEU A 165 14.95 9.91 -30.15
CA LEU A 165 15.00 9.94 -28.68
C LEU A 165 16.15 9.06 -28.18
N SER A 166 16.34 7.88 -28.76
CA SER A 166 17.39 6.89 -28.37
C SER A 166 18.78 7.45 -28.67
N GLN A 167 18.95 8.12 -29.81
CA GLN A 167 20.26 8.72 -30.15
C GLN A 167 20.57 9.80 -29.12
N LEU A 168 19.60 10.68 -28.81
CA LEU A 168 19.82 11.77 -27.81
C LEU A 168 20.15 11.14 -26.43
N TYR A 169 19.43 10.10 -26.02
CA TYR A 169 19.72 9.37 -24.76
C TYR A 169 21.15 8.82 -24.79
N GLY A 170 21.57 8.22 -25.90
CA GLY A 170 22.93 7.70 -26.09
C GLY A 170 23.97 8.80 -26.02
N ASP A 171 23.76 9.92 -26.72
CA ASP A 171 24.72 11.06 -26.72
C ASP A 171 24.94 11.51 -25.28
N LEU A 172 23.87 11.67 -24.50
CA LEU A 172 23.96 12.03 -23.06
C LEU A 172 24.86 11.03 -22.33
N GLN A 173 24.61 9.73 -22.50
CA GLN A 173 25.35 8.69 -21.71
C GLN A 173 26.84 8.76 -22.09
N VAL A 174 27.15 9.04 -23.35
CA VAL A 174 28.56 9.19 -23.82
C VAL A 174 29.18 10.39 -23.09
N HIS A 175 28.59 11.57 -23.20
CA HIS A 175 29.23 12.84 -22.73
C HIS A 175 29.33 12.86 -21.22
N LYS A 176 28.36 12.29 -20.49
CA LYS A 176 28.32 12.49 -19.02
C LYS A 176 29.25 11.50 -18.30
N HIS A 177 29.79 10.50 -19.00
CA HIS A 177 30.60 9.44 -18.36
C HIS A 177 32.11 9.59 -18.65
N VAL A 178 32.49 10.55 -19.51
CA VAL A 178 33.94 10.76 -19.82
C VAL A 178 34.60 11.37 -18.58
N VAL A 179 35.92 11.51 -18.59
CA VAL A 179 36.71 12.13 -17.48
C VAL A 179 36.09 13.47 -17.11
N LYS A 180 36.01 13.80 -15.82
CA LYS A 180 35.19 14.91 -15.26
C LYS A 180 35.35 16.20 -16.07
N GLU A 181 36.59 16.62 -16.36
CA GLU A 181 36.92 17.95 -16.94
C GLU A 181 36.37 18.12 -18.36
N GLU A 182 36.08 17.03 -19.09
CA GLU A 182 35.69 17.03 -20.53
C GLU A 182 34.16 17.01 -20.67
N ARG A 183 33.43 16.64 -19.61
CA ARG A 183 31.95 16.42 -19.61
C ARG A 183 31.20 17.70 -20.04
N ILE A 184 31.37 18.81 -19.33
CA ILE A 184 30.51 20.02 -19.53
C ILE A 184 30.81 20.66 -20.89
N PRO A 185 32.09 20.82 -21.31
CA PRO A 185 32.36 21.26 -22.68
C PRO A 185 31.67 20.40 -23.75
N ARG A 186 31.67 19.08 -23.61
CA ARG A 186 30.96 18.19 -24.57
C ARG A 186 29.44 18.46 -24.53
N LEU A 187 28.88 18.62 -23.33
CA LEU A 187 27.41 18.79 -23.18
C LEU A 187 26.98 20.15 -23.74
N GLU A 188 27.74 21.22 -23.51
CA GLU A 188 27.41 22.56 -24.04
C GLU A 188 27.49 22.54 -25.58
N ALA A 189 28.54 21.95 -26.16
CA ALA A 189 28.74 21.92 -27.63
C ALA A 189 27.64 21.10 -28.29
N TRP A 190 27.26 20.00 -27.63
CA TRP A 190 26.17 19.09 -28.07
C TRP A 190 24.84 19.84 -28.00
N PHE A 191 24.51 20.46 -26.86
CA PHE A 191 23.28 21.27 -26.69
C PHE A 191 23.20 22.30 -27.83
N ASN A 192 24.32 22.94 -28.14
CA ASN A 192 24.41 24.05 -29.13
C ASN A 192 23.81 23.64 -30.49
N GLU A 193 24.02 22.40 -30.93
CA GLU A 193 23.43 21.88 -32.20
C GLU A 193 21.90 21.78 -32.13
N HIS A 194 21.31 21.55 -30.96
CA HIS A 194 19.84 21.29 -30.83
C HIS A 194 19.10 22.54 -30.31
N LYS A 195 19.81 23.51 -29.74
N LYS A 195 19.81 23.51 -29.73
CA LYS A 195 19.20 24.63 -28.95
CA LYS A 195 19.20 24.62 -28.95
C LYS A 195 18.20 25.39 -29.82
C LYS A 195 18.19 25.40 -29.82
N GLU A 196 18.43 25.48 -31.13
CA GLU A 196 17.56 26.22 -32.10
C GLU A 196 16.21 25.50 -32.23
N LYS A 197 16.21 24.17 -32.28
CA LYS A 197 14.98 23.34 -32.40
C LYS A 197 14.20 23.31 -31.07
N MET A 198 14.83 23.64 -29.94
CA MET A 198 14.27 23.37 -28.58
C MET A 198 13.62 24.63 -28.01
N PRO A 199 12.64 24.49 -27.12
CA PRO A 199 12.22 25.64 -26.30
C PRO A 199 13.47 26.19 -25.63
N GLU A 200 13.43 27.45 -25.19
N GLU A 200 13.40 27.45 -25.18
CA GLU A 200 14.57 28.10 -24.51
CA GLU A 200 14.48 28.11 -24.41
C GLU A 200 14.82 27.36 -23.18
C GLU A 200 14.78 27.29 -23.16
N MET A 201 16.01 26.79 -23.05
CA MET A 201 16.49 26.10 -21.82
C MET A 201 18.02 26.10 -21.84
N THR A 202 18.63 25.66 -20.74
CA THR A 202 20.09 25.63 -20.57
C THR A 202 20.61 24.28 -21.06
N TRP A 203 21.93 24.14 -21.23
CA TRP A 203 22.55 22.85 -21.62
C TRP A 203 22.15 21.75 -20.60
N PHE A 204 22.07 22.08 -19.31
CA PHE A 204 21.93 21.08 -18.22
C PHE A 204 20.45 20.67 -18.11
N GLU A 205 19.52 21.55 -18.47
CA GLU A 205 18.06 21.25 -18.60
C GLU A 205 17.85 20.35 -19.82
N PHE A 206 18.45 20.73 -20.96
CA PHE A 206 18.45 19.88 -22.18
C PHE A 206 18.99 18.50 -21.82
N SER A 207 20.10 18.43 -21.10
CA SER A 207 20.74 17.15 -20.73
C SER A 207 19.72 16.27 -19.99
N ALA A 208 18.99 16.83 -19.03
CA ALA A 208 17.93 16.14 -18.26
C ALA A 208 16.81 15.67 -19.19
N CYS A 209 16.36 16.50 -20.16
CA CYS A 209 15.23 16.13 -21.06
C CYS A 209 15.59 14.91 -21.91
N THR A 210 16.87 14.69 -22.23
CA THR A 210 17.28 13.57 -23.10
C THR A 210 17.46 12.25 -22.32
N GLY A 211 17.45 12.31 -20.99
CA GLY A 211 17.89 11.19 -20.13
C GLY A 211 16.79 10.21 -19.77
N SER A 212 15.56 10.43 -20.22
CA SER A 212 14.41 9.54 -19.94
C SER A 212 14.17 8.57 -21.10
N THR A 213 13.50 7.45 -20.83
CA THR A 213 13.09 6.44 -21.85
C THR A 213 11.57 6.46 -22.07
N LEU A 214 10.83 7.38 -21.42
CA LEU A 214 9.33 7.35 -21.42
C LEU A 214 8.78 7.53 -22.83
N GLY A 215 9.36 8.43 -23.63
CA GLY A 215 8.92 8.70 -25.00
C GLY A 215 9.06 7.46 -25.87
N VAL A 216 10.14 6.71 -25.69
CA VAL A 216 10.34 5.46 -26.46
C VAL A 216 9.20 4.49 -26.15
N TYR A 217 8.85 4.29 -24.87
CA TYR A 217 7.83 3.30 -24.50
C TYR A 217 6.47 3.74 -25.03
N THR A 218 6.18 5.05 -24.94
CA THR A 218 4.90 5.64 -25.42
C THR A 218 4.79 5.46 -26.92
N LEU A 219 5.86 5.73 -27.69
CA LEU A 219 5.84 5.57 -29.17
C LEU A 219 5.68 4.09 -29.53
N ALA A 220 6.36 3.19 -28.82
CA ALA A 220 6.22 1.72 -29.02
C ALA A 220 4.77 1.30 -28.70
N THR A 221 4.15 1.91 -27.68
CA THR A 221 2.79 1.54 -27.24
C THR A 221 1.84 1.85 -28.40
N TYR A 222 1.88 3.07 -28.93
CA TYR A 222 0.96 3.49 -30.02
C TYR A 222 1.32 2.79 -31.32
N ALA A 223 2.56 2.30 -31.49
CA ALA A 223 2.95 1.45 -32.64
C ALA A 223 2.02 0.24 -32.75
N THR A 224 1.41 -0.21 -31.65
CA THR A 224 0.48 -1.37 -31.62
C THR A 224 -0.86 -1.02 -32.32
N LYS A 225 -1.19 0.25 -32.52
CA LYS A 225 -2.50 0.68 -33.09
C LYS A 225 -2.44 0.67 -34.62
N GLU A 226 -3.48 0.16 -35.26
CA GLU A 226 -3.69 0.26 -36.74
C GLU A 226 -3.76 1.73 -37.17
N GLY A 227 -3.04 2.07 -38.23
CA GLY A 227 -3.22 3.33 -38.98
C GLY A 227 -2.81 4.59 -38.23
N LEU A 228 -1.94 4.46 -37.21
CA LEU A 228 -1.30 5.63 -36.56
C LEU A 228 -0.68 6.51 -37.64
N THR A 229 -0.94 7.82 -37.59
CA THR A 229 -0.46 8.80 -38.61
C THR A 229 0.90 9.33 -38.18
N SER A 230 1.68 9.87 -39.11
CA SER A 230 2.96 10.58 -38.82
C SER A 230 2.67 11.80 -37.95
N GLU A 231 1.57 12.50 -38.23
CA GLU A 231 1.10 13.64 -37.39
C GLU A 231 0.95 13.15 -35.94
N GLN A 232 0.32 11.98 -35.74
CA GLN A 232 0.11 11.43 -34.37
C GLN A 232 1.45 11.00 -33.75
N ALA A 233 2.33 10.35 -34.53
CA ALA A 233 3.68 9.94 -34.08
C ALA A 233 4.41 11.17 -33.52
N ASP A 234 4.33 12.31 -34.21
CA ASP A 234 5.00 13.55 -33.77
C ASP A 234 4.31 14.13 -32.54
N VAL A 235 2.97 14.10 -32.48
CA VAL A 235 2.19 14.59 -31.30
C VAL A 235 2.66 13.81 -30.08
N ILE A 236 2.81 12.50 -30.27
CA ILE A 236 3.12 11.54 -29.17
C ILE A 236 4.53 11.84 -28.68
N LYS A 237 5.51 12.07 -29.58
CA LYS A 237 6.89 12.40 -29.18
C LYS A 237 6.89 13.75 -28.43
N ALA A 238 6.20 14.77 -28.94
CA ALA A 238 6.11 16.10 -28.30
C ALA A 238 5.34 16.02 -26.98
N GLY A 239 4.52 15.00 -26.77
CA GLY A 239 3.78 14.82 -25.49
C GLY A 239 4.73 14.57 -24.33
N TYR A 240 5.85 13.90 -24.59
CA TYR A 240 6.81 13.46 -23.55
C TYR A 240 8.12 14.24 -23.65
N PHE A 241 8.45 14.74 -24.84
CA PHE A 241 9.76 15.39 -25.09
C PHE A 241 9.51 16.81 -25.58
N PRO A 242 10.11 17.82 -24.93
CA PRO A 242 11.13 17.61 -23.89
C PRO A 242 10.70 17.60 -22.41
N TRP A 243 9.47 18.03 -22.12
CA TRP A 243 9.10 18.52 -20.77
C TRP A 243 8.91 17.39 -19.78
N VAL A 244 8.20 16.33 -20.15
CA VAL A 244 7.90 15.21 -19.21
C VAL A 244 9.23 14.53 -18.88
N GLN A 245 10.04 14.22 -19.88
CA GLN A 245 11.39 13.60 -19.73
C GLN A 245 12.26 14.50 -18.84
N GLY A 246 12.19 15.82 -19.06
CA GLY A 246 12.84 16.83 -18.20
C GLY A 246 12.45 16.66 -16.74
N VAL A 247 11.17 16.70 -16.41
CA VAL A 247 10.69 16.61 -15.00
C VAL A 247 11.17 15.29 -14.42
N HIS A 248 11.06 14.21 -15.19
CA HIS A 248 11.52 12.84 -14.80
C HIS A 248 12.98 12.90 -14.31
N LEU A 249 13.90 13.42 -15.13
CA LEU A 249 15.34 13.41 -14.77
C LEU A 249 15.64 14.50 -13.72
N LEU A 250 15.00 15.66 -13.79
CA LEU A 250 15.21 16.72 -12.78
C LEU A 250 14.90 16.11 -11.40
N LEU A 251 13.85 15.29 -11.30
CA LEU A 251 13.50 14.55 -10.06
C LEU A 251 14.59 13.56 -9.68
N ASP A 252 15.03 12.72 -10.63
CA ASP A 252 16.11 11.75 -10.36
C ASP A 252 17.32 12.49 -9.74
N TYR A 253 17.74 13.60 -10.34
CA TYR A 253 18.91 14.40 -9.86
C TYR A 253 18.60 15.08 -8.52
N PHE A 254 17.35 15.49 -8.28
CA PHE A 254 16.93 16.17 -7.03
C PHE A 254 17.13 15.23 -5.83
N ILE A 255 16.61 14.01 -5.96
N ILE A 255 16.66 13.99 -5.96
CA ILE A 255 16.66 12.96 -4.89
CA ILE A 255 16.65 13.01 -4.85
C ILE A 255 18.11 12.62 -4.58
C ILE A 255 18.07 12.47 -4.61
N ASP A 256 18.95 12.53 -5.62
CA ASP A 256 20.34 12.01 -5.54
C ASP A 256 21.34 13.11 -5.12
N GLN A 257 20.89 14.33 -4.83
CA GLN A 257 21.78 15.49 -4.57
C GLN A 257 22.86 15.14 -3.52
N GLU A 258 22.45 14.67 -2.34
CA GLU A 258 23.32 14.51 -1.14
C GLU A 258 24.48 13.55 -1.46
N GLU A 259 24.23 12.48 -2.20
CA GLU A 259 25.25 11.45 -2.58
C GLU A 259 26.11 11.98 -3.74
N ASP A 260 25.58 12.86 -4.58
CA ASP A 260 26.34 13.48 -5.69
C ASP A 260 27.34 14.48 -5.10
N ILE A 261 26.92 15.26 -4.10
CA ILE A 261 27.79 16.24 -3.36
C ILE A 261 28.92 15.45 -2.65
N ALA A 262 28.58 14.31 -2.04
CA ALA A 262 29.50 13.48 -1.22
C ALA A 262 30.53 12.75 -2.11
N ASP A 263 30.13 12.33 -3.32
CA ASP A 263 30.97 11.56 -4.28
C ASP A 263 31.48 12.46 -5.43
N ASP A 264 31.44 13.79 -5.24
CA ASP A 264 31.71 14.82 -6.29
C ASP A 264 31.34 14.25 -7.67
N GLU A 265 30.04 14.04 -7.91
CA GLU A 265 29.47 13.48 -9.16
C GLU A 265 28.65 14.56 -9.87
N LEU A 266 28.52 14.45 -11.20
CA LEU A 266 27.80 15.42 -12.07
C LEU A 266 26.32 15.42 -11.70
N ASN A 267 25.82 16.58 -11.26
CA ASN A 267 24.39 16.80 -10.93
C ASN A 267 23.94 18.09 -11.64
N PHE A 268 23.03 17.95 -12.60
CA PHE A 268 22.56 19.03 -13.50
C PHE A 268 21.91 20.17 -12.68
N LEU A 269 21.34 19.90 -11.50
CA LEU A 269 20.67 20.94 -10.67
C LEU A 269 21.70 21.94 -10.13
N PHE A 270 22.98 21.53 -10.04
CA PHE A 270 24.07 22.29 -9.40
C PHE A 270 24.50 23.48 -10.28
N TYR A 271 24.04 23.56 -11.54
CA TYR A 271 24.47 24.60 -12.51
C TYR A 271 23.44 25.73 -12.57
N TYR A 272 22.33 25.61 -11.86
CA TYR A 272 21.41 26.75 -11.61
C TYR A 272 22.19 27.77 -10.77
N GLU A 273 21.95 29.06 -11.01
CA GLU A 273 22.63 30.18 -10.30
C GLU A 273 22.33 30.06 -8.80
N ASN A 274 21.11 29.64 -8.45
CA ASN A 274 20.66 29.47 -7.04
C ASN A 274 19.44 28.57 -6.99
N GLU A 275 18.99 28.21 -5.79
N GLU A 275 19.02 28.22 -5.77
CA GLU A 275 17.88 27.23 -5.56
CA GLU A 275 17.90 27.28 -5.44
C GLU A 275 16.55 27.87 -5.96
C GLU A 275 16.57 27.88 -5.94
N GLU A 276 16.36 29.18 -5.72
CA GLU A 276 15.14 29.90 -6.16
C GLU A 276 14.88 29.65 -7.65
N GLN A 277 15.94 29.75 -8.47
CA GLN A 277 15.87 29.60 -9.95
C GLN A 277 15.54 28.15 -10.30
N MET A 278 16.23 27.21 -9.66
CA MET A 278 15.97 25.76 -9.81
C MET A 278 14.48 25.47 -9.55
N ILE A 279 13.91 25.97 -8.45
CA ILE A 279 12.48 25.72 -8.07
C ILE A 279 11.55 26.34 -9.11
N GLU A 280 11.78 27.61 -9.45
N GLU A 280 11.76 27.60 -9.48
CA GLU A 280 11.01 28.34 -10.49
CA GLU A 280 10.91 28.27 -10.48
C GLU A 280 11.03 27.52 -11.79
C GLU A 280 11.00 27.52 -11.82
N ARG A 281 12.21 27.14 -12.27
CA ARG A 281 12.36 26.38 -13.55
C ARG A 281 11.69 25.02 -13.40
N PHE A 282 11.86 24.32 -12.27
CA PHE A 282 11.17 23.02 -12.07
C PHE A 282 9.65 23.20 -12.21
N GLN A 283 9.08 24.25 -11.61
CA GLN A 283 7.61 24.52 -11.69
C GLN A 283 7.20 24.80 -13.15
N TYR A 284 8.00 25.54 -13.91
CA TYR A 284 7.75 25.80 -15.35
C TYR A 284 7.70 24.46 -16.10
N PHE A 285 8.69 23.58 -15.89
CA PHE A 285 8.80 22.27 -16.59
C PHE A 285 7.53 21.47 -16.33
N VAL A 286 7.05 21.52 -15.08
CA VAL A 286 5.85 20.76 -14.62
C VAL A 286 4.62 21.27 -15.38
N GLN A 287 4.45 22.60 -15.46
CA GLN A 287 3.34 23.24 -16.20
C GLN A 287 3.42 22.86 -17.68
N LYS A 288 4.61 22.94 -18.29
CA LYS A 288 4.77 22.59 -19.74
C LYS A 288 4.52 21.10 -19.92
N ALA A 289 4.92 20.27 -18.95
CA ALA A 289 4.68 18.80 -19.00
C ALA A 289 3.18 18.54 -18.94
N GLU A 290 2.45 19.22 -18.06
CA GLU A 290 0.97 19.05 -17.95
C GLU A 290 0.35 19.39 -19.30
N GLU A 291 0.80 20.48 -19.92
N GLU A 291 0.77 20.50 -19.92
CA GLU A 291 0.26 20.97 -21.22
CA GLU A 291 0.26 20.95 -21.24
C GLU A 291 0.60 19.93 -22.31
C GLU A 291 0.56 19.86 -22.29
N SER A 292 1.83 19.43 -22.38
N SER A 292 1.83 19.47 -22.42
CA SER A 292 2.24 18.46 -23.43
CA SER A 292 2.27 18.45 -23.40
C SER A 292 1.44 17.16 -23.26
C SER A 292 1.40 17.19 -23.25
N LEU A 293 1.28 16.65 -22.04
CA LEU A 293 0.54 15.37 -21.79
C LEU A 293 -0.92 15.48 -22.24
N SER A 294 -1.57 16.63 -21.99
CA SER A 294 -3.00 16.86 -22.31
C SER A 294 -3.25 16.75 -23.83
N THR A 295 -2.21 16.80 -24.66
CA THR A 295 -2.33 16.73 -26.14
C THR A 295 -2.36 15.28 -26.62
N LEU A 296 -2.10 14.32 -25.74
CA LEU A 296 -1.91 12.90 -26.14
C LEU A 296 -3.27 12.20 -26.26
N PRO A 297 -3.34 11.07 -26.99
CA PRO A 297 -4.45 10.14 -26.81
C PRO A 297 -4.44 9.63 -25.37
N ASP A 298 -5.60 9.28 -24.83
CA ASP A 298 -5.74 8.75 -23.44
C ASP A 298 -5.11 9.75 -22.47
N PRO A 299 -5.39 11.07 -22.58
CA PRO A 299 -4.69 12.06 -21.76
C PRO A 299 -4.75 11.78 -20.25
N LYS A 300 -5.87 11.25 -19.76
CA LYS A 300 -6.08 10.98 -18.31
C LYS A 300 -5.12 9.88 -17.84
N PHE A 301 -4.90 8.86 -18.67
CA PHE A 301 -3.96 7.75 -18.36
C PHE A 301 -2.54 8.35 -18.22
N HIS A 302 -2.08 9.10 -19.23
CA HIS A 302 -0.72 9.70 -19.23
C HIS A 302 -0.59 10.62 -18.02
N ARG A 303 -1.64 11.35 -17.68
CA ARG A 303 -1.62 12.26 -16.51
C ARG A 303 -1.43 11.41 -15.25
N HIS A 304 -2.08 10.25 -15.15
CA HIS A 304 -1.93 9.32 -14.00
C HIS A 304 -0.49 8.79 -13.91
N ILE A 305 0.07 8.30 -15.02
CA ILE A 305 1.45 7.75 -15.08
C ILE A 305 2.43 8.79 -14.52
N TRP A 306 2.31 10.02 -15.01
CA TRP A 306 3.22 11.14 -14.70
C TRP A 306 3.15 11.52 -13.21
N ARG A 307 1.94 11.76 -12.70
CA ARG A 307 1.69 12.00 -11.26
C ARG A 307 2.29 10.85 -10.44
N GLY A 308 2.19 9.61 -10.96
CA GLY A 308 2.73 8.41 -10.29
C GLY A 308 4.24 8.48 -10.19
N ILE A 309 4.90 8.78 -11.30
CA ILE A 309 6.38 9.02 -11.38
C ILE A 309 6.78 10.04 -10.31
N ILE A 310 6.14 11.21 -10.29
CA ILE A 310 6.47 12.32 -9.35
C ILE A 310 6.36 11.82 -7.91
N ALA A 311 5.22 11.21 -7.55
CA ALA A 311 4.90 10.75 -6.19
C ALA A 311 5.90 9.66 -5.78
N ILE A 312 6.20 8.72 -6.67
CA ILE A 312 7.09 7.56 -6.36
C ILE A 312 8.51 8.08 -6.14
N TYR A 313 8.99 8.95 -7.03
CA TYR A 313 10.33 9.58 -6.90
C TYR A 313 10.41 10.34 -5.56
N LEU A 314 9.43 11.19 -5.23
CA LEU A 314 9.48 12.03 -4.00
C LEU A 314 9.25 11.19 -2.72
N SER A 315 8.72 9.96 -2.83
CA SER A 315 8.51 9.04 -1.68
C SER A 315 9.83 8.40 -1.23
N ASP A 316 10.91 8.59 -1.99
CA ASP A 316 12.25 8.03 -1.65
C ASP A 316 12.63 8.44 -0.22
N GLU A 317 13.18 7.49 0.54
CA GLU A 317 13.84 7.68 1.86
C GLU A 317 14.77 8.90 1.84
N LYS A 318 15.54 9.05 0.75
CA LYS A 318 16.56 10.12 0.55
C LYS A 318 15.89 11.49 0.68
N VAL A 319 14.64 11.61 0.22
CA VAL A 319 13.84 12.86 0.34
C VAL A 319 13.14 12.84 1.71
N GLN A 320 12.37 11.79 2.02
CA GLN A 320 11.35 11.85 3.11
C GLN A 320 12.01 11.78 4.50
N LYS A 321 13.23 11.22 4.63
CA LYS A 321 13.94 11.11 5.94
C LYS A 321 15.06 12.15 6.03
N ASN A 322 14.94 13.25 5.28
CA ASN A 322 15.90 14.39 5.20
C ASN A 322 15.07 15.69 5.25
N LYS A 323 15.07 16.36 6.41
CA LYS A 323 14.08 17.44 6.74
C LYS A 323 14.11 18.55 5.69
N GLU A 324 15.30 18.96 5.24
N GLU A 324 15.31 18.94 5.26
CA GLU A 324 15.47 20.07 4.25
CA GLU A 324 15.56 20.03 4.26
C GLU A 324 15.02 19.61 2.86
C GLU A 324 15.04 19.60 2.88
N LEU A 325 15.39 18.40 2.43
CA LEU A 325 15.04 17.89 1.08
C LEU A 325 13.51 17.74 0.99
N LYS A 326 12.91 17.15 2.03
CA LYS A 326 11.44 16.98 2.12
C LYS A 326 10.77 18.36 2.01
N LYS A 327 11.21 19.33 2.79
CA LYS A 327 10.61 20.68 2.75
C LYS A 327 10.82 21.27 1.35
N LYS A 328 12.03 21.15 0.80
CA LYS A 328 12.33 21.69 -0.56
C LYS A 328 11.46 20.99 -1.60
N SER A 329 11.15 19.70 -1.42
CA SER A 329 10.37 18.90 -2.41
C SER A 329 8.94 19.43 -2.49
N LYS A 330 8.37 19.84 -1.35
CA LYS A 330 6.99 20.41 -1.28
C LYS A 330 6.96 21.82 -1.89
N GLN A 331 8.05 22.58 -1.80
CA GLN A 331 8.18 23.89 -2.47
C GLN A 331 8.09 23.67 -3.99
N MET A 332 8.74 22.61 -4.47
CA MET A 332 8.82 22.24 -5.91
C MET A 332 7.45 21.85 -6.47
N ILE A 333 6.67 21.05 -5.75
CA ILE A 333 5.38 20.48 -6.24
C ILE A 333 4.58 19.93 -5.05
N LYS A 334 3.29 20.23 -5.00
CA LYS A 334 2.36 19.74 -3.96
C LYS A 334 1.55 18.58 -4.57
N MET A 335 1.54 17.44 -3.88
CA MET A 335 1.05 16.13 -4.38
C MET A 335 -0.01 15.58 -3.41
N GLY A 336 -0.68 16.49 -2.69
CA GLY A 336 -1.74 16.17 -1.72
C GLY A 336 -1.29 15.18 -0.65
N GLY A 337 0.03 15.09 -0.40
CA GLY A 337 0.57 14.19 0.64
C GLY A 337 0.80 12.78 0.12
N LEU A 338 0.72 12.56 -1.19
CA LEU A 338 0.90 11.22 -1.79
C LEU A 338 2.34 10.73 -1.61
N PRO A 339 3.39 11.56 -1.83
CA PRO A 339 4.76 11.06 -1.66
C PRO A 339 4.96 10.48 -0.26
N SER A 340 4.58 11.24 0.76
CA SER A 340 4.65 10.86 2.20
C SER A 340 3.87 9.56 2.46
N LEU A 341 2.65 9.43 1.92
CA LEU A 341 1.82 8.21 2.09
C LEU A 341 2.58 7.00 1.55
N LEU A 342 3.19 7.14 0.37
CA LEU A 342 3.91 6.02 -0.29
C LEU A 342 5.13 5.65 0.55
N PHE A 343 5.79 6.65 1.14
CA PHE A 343 6.97 6.44 2.00
C PHE A 343 6.55 5.58 3.20
N TYR A 344 5.55 6.03 3.96
CA TYR A 344 5.10 5.36 5.21
C TYR A 344 4.46 4.00 4.88
N LEU A 345 3.70 3.91 3.79
CA LEU A 345 3.19 2.61 3.29
C LEU A 345 4.39 1.69 3.06
N ASN A 346 5.39 2.15 2.29
CA ASN A 346 6.65 1.41 2.00
C ASN A 346 7.32 1.01 3.31
N SER A 347 7.55 1.99 4.20
CA SER A 347 8.17 1.82 5.54
C SER A 347 7.44 0.74 6.33
N TRP A 348 6.12 0.61 6.15
CA TRP A 348 5.29 -0.34 6.94
C TRP A 348 5.43 -1.75 6.39
N ILE A 349 5.33 -1.91 5.08
CA ILE A 349 5.44 -3.24 4.41
C ILE A 349 6.81 -3.84 4.75
N TYR A 350 7.88 -3.09 4.49
CA TYR A 350 9.28 -3.51 4.75
C TYR A 350 9.69 -3.02 6.14
N ARG A 351 9.56 -3.88 7.14
CA ARG A 351 9.99 -3.62 8.54
C ARG A 351 10.34 -4.95 9.22
N LYS B 5 -10.83 18.83 13.45
CA LYS B 5 -10.24 18.91 12.08
C LYS B 5 -9.84 17.50 11.61
N VAL B 6 -10.74 16.51 11.72
CA VAL B 6 -10.43 15.06 11.56
C VAL B 6 -10.29 14.73 10.08
N PRO B 7 -9.17 14.10 9.65
CA PRO B 7 -8.97 13.79 8.23
C PRO B 7 -9.98 12.74 7.72
N THR B 8 -10.71 13.05 6.64
CA THR B 8 -11.74 12.18 6.03
C THR B 8 -11.46 11.96 4.54
N GLN B 9 -10.52 12.70 3.93
CA GLN B 9 -10.10 12.48 2.52
C GLN B 9 -9.11 11.32 2.49
N PRO B 10 -9.15 10.45 1.46
CA PRO B 10 -8.52 9.14 1.53
C PRO B 10 -6.99 9.18 1.73
N ILE B 11 -6.30 10.10 1.04
CA ILE B 11 -4.81 10.17 1.02
C ILE B 11 -4.29 10.53 2.41
N PRO B 12 -4.76 11.64 3.02
CA PRO B 12 -4.30 11.99 4.37
C PRO B 12 -4.73 10.98 5.44
N LEU B 13 -5.98 10.50 5.39
CA LEU B 13 -6.46 9.46 6.33
C LEU B 13 -5.47 8.29 6.28
N MET B 14 -5.17 7.78 5.08
CA MET B 14 -4.27 6.62 4.92
C MET B 14 -2.88 6.96 5.45
N MET B 15 -2.38 8.16 5.14
CA MET B 15 -1.01 8.59 5.53
C MET B 15 -0.92 8.56 7.06
N ASN B 16 -1.89 9.18 7.75
CA ASN B 16 -1.97 9.17 9.23
C ASN B 16 -1.97 7.73 9.75
N ILE B 17 -2.78 6.85 9.15
CA ILE B 17 -2.83 5.42 9.54
C ILE B 17 -1.42 4.83 9.47
N PHE B 18 -0.68 5.05 8.39
CA PHE B 18 0.61 4.35 8.15
C PHE B 18 1.74 5.04 8.94
N ARG B 19 1.65 6.36 9.12
CA ARG B 19 2.67 7.13 9.84
C ARG B 19 2.43 7.06 11.36
N ASP B 20 1.20 7.27 11.82
CA ASP B 20 0.89 7.53 13.25
C ASP B 20 0.32 6.27 13.91
N VAL B 21 -0.76 5.72 13.36
CA VAL B 21 -1.54 4.64 14.02
C VAL B 21 -0.69 3.38 14.11
N LEU B 22 -0.30 2.81 12.97
CA LEU B 22 0.34 1.47 12.93
C LEU B 22 1.65 1.47 13.74
N PRO B 23 2.55 2.48 13.63
CA PRO B 23 3.76 2.49 14.47
C PRO B 23 3.48 2.64 15.97
N THR B 24 2.56 3.51 16.38
CA THR B 24 2.14 3.67 17.80
C THR B 24 1.55 2.36 18.33
N VAL B 25 0.65 1.73 17.57
CA VAL B 25 0.01 0.44 17.99
C VAL B 25 1.13 -0.57 18.26
N HIS B 26 2.06 -0.74 17.33
N HIS B 26 2.02 -0.73 17.28
CA HIS B 26 3.12 -1.79 17.42
CA HIS B 26 3.17 -1.67 17.25
C HIS B 26 4.14 -1.47 18.51
C HIS B 26 4.09 -1.45 18.46
N ARG B 27 4.33 -0.20 18.86
CA ARG B 27 5.19 0.16 20.01
C ARG B 27 4.64 -0.52 21.28
N TYR B 28 3.36 -0.30 21.58
CA TYR B 28 2.69 -0.80 22.81
C TYR B 28 2.49 -2.30 22.70
N TYR B 29 2.09 -2.78 21.54
CA TYR B 29 1.85 -4.22 21.29
C TYR B 29 3.13 -5.00 21.59
N ASP B 30 4.28 -4.49 21.13
CA ASP B 30 5.62 -5.13 21.34
C ASP B 30 5.97 -5.15 22.83
N GLN B 31 5.68 -4.09 23.59
CA GLN B 31 5.91 -4.06 25.05
C GLN B 31 5.10 -5.18 25.71
N TRP B 32 3.85 -5.39 25.28
CA TRP B 32 2.99 -6.48 25.82
C TRP B 32 3.55 -7.85 25.42
N LYS B 33 4.07 -7.95 24.20
CA LYS B 33 4.73 -9.21 23.75
C LYS B 33 5.83 -9.57 24.75
N GLU B 34 6.72 -8.63 25.07
CA GLU B 34 7.88 -8.87 25.99
C GLU B 34 7.35 -9.20 27.38
N ARG B 35 6.33 -8.48 27.84
CA ARG B 35 5.70 -8.68 29.16
C ARG B 35 5.13 -10.11 29.24
N ALA B 36 4.51 -10.59 28.16
CA ALA B 36 3.87 -11.92 28.09
C ALA B 36 4.90 -13.05 28.25
N LYS B 37 6.13 -12.86 27.79
N LYS B 37 6.13 -12.86 27.78
CA LYS B 37 7.23 -13.86 27.89
CA LYS B 37 7.23 -13.86 27.89
C LYS B 37 7.52 -14.18 29.37
C LYS B 37 7.51 -14.18 29.37
N SER B 38 7.22 -13.27 30.29
CA SER B 38 7.50 -13.41 31.75
C SER B 38 6.38 -14.17 32.48
N ILE B 39 5.28 -14.47 31.81
CA ILE B 39 4.19 -15.31 32.38
C ILE B 39 4.78 -16.66 32.81
N PRO B 40 4.75 -16.99 34.13
CA PRO B 40 5.28 -18.27 34.64
C PRO B 40 4.59 -19.52 34.12
N ASP B 41 3.25 -19.59 34.22
CA ASP B 41 2.53 -20.80 33.79
C ASP B 41 2.81 -21.03 32.30
N PRO B 42 3.41 -22.19 31.92
CA PRO B 42 3.72 -22.47 30.52
C PRO B 42 2.50 -22.42 29.58
N GLU B 43 1.34 -22.85 30.06
CA GLU B 43 0.10 -22.95 29.24
C GLU B 43 -0.46 -21.54 29.06
N LEU B 44 -0.55 -20.75 30.14
CA LEU B 44 -1.02 -19.34 30.03
C LEU B 44 -0.06 -18.59 29.11
N ARG B 45 1.24 -18.83 29.26
CA ARG B 45 2.29 -18.14 28.46
C ARG B 45 2.09 -18.50 26.97
N ALA B 46 1.95 -19.79 26.66
CA ALA B 46 1.77 -20.26 25.26
C ALA B 46 0.54 -19.58 24.67
N GLN B 47 -0.57 -19.55 25.43
CA GLN B 47 -1.86 -18.98 24.95
C GLN B 47 -1.75 -17.45 24.80
N ALA B 48 -1.05 -16.75 25.69
CA ALA B 48 -0.88 -15.28 25.64
C ALA B 48 -0.08 -14.91 24.38
N LEU B 49 1.03 -15.62 24.16
CA LEU B 49 1.95 -15.36 23.02
C LEU B 49 1.29 -15.78 21.69
N ASP B 50 0.53 -16.86 21.67
CA ASP B 50 -0.22 -17.29 20.45
C ASP B 50 -1.25 -16.22 20.05
N ALA B 51 -2.04 -15.70 21.00
CA ALA B 51 -3.01 -14.60 20.75
C ALA B 51 -2.26 -13.42 20.16
N LEU B 52 -1.16 -13.00 20.80
CA LEU B 52 -0.35 -11.84 20.38
C LEU B 52 0.24 -12.08 18.99
N GLU B 53 0.72 -13.30 18.72
CA GLU B 53 1.28 -13.71 17.41
C GLU B 53 0.23 -13.52 16.31
N ARG B 54 -1.00 -14.00 16.52
CA ARG B 54 -2.00 -14.19 15.43
C ARG B 54 -2.99 -13.02 15.32
N LYS B 55 -3.07 -12.11 16.30
CA LYS B 55 -4.25 -11.20 16.41
C LYS B 55 -3.86 -9.72 16.42
N GLU B 56 -2.67 -9.41 15.88
N GLU B 56 -2.67 -9.39 15.91
CA GLU B 56 -2.13 -8.02 15.82
CA GLU B 56 -2.17 -7.99 15.86
C GLU B 56 -3.10 -7.15 14.99
C GLU B 56 -3.13 -7.15 15.02
N PHE B 57 -3.76 -7.72 13.99
CA PHE B 57 -4.72 -7.00 13.12
C PHE B 57 -5.80 -6.30 13.96
N HIS B 58 -6.34 -6.93 15.01
CA HIS B 58 -7.45 -6.35 15.83
C HIS B 58 -6.98 -5.04 16.47
N CYS B 59 -5.73 -5.02 16.92
CA CYS B 59 -5.14 -3.83 17.57
C CYS B 59 -4.85 -2.76 16.51
N GLU B 60 -4.32 -3.17 15.34
CA GLU B 60 -3.99 -2.23 14.23
C GLU B 60 -5.27 -1.51 13.81
N GLY B 61 -6.33 -2.28 13.58
CA GLY B 61 -7.67 -1.77 13.24
C GLY B 61 -8.23 -0.88 14.33
N GLY B 62 -8.32 -1.38 15.58
CA GLY B 62 -8.89 -0.65 16.71
C GLY B 62 -8.19 0.69 16.94
N GLY B 63 -6.87 0.72 16.74
CA GLY B 63 -6.01 1.89 16.96
C GLY B 63 -6.35 3.07 16.05
N ILE B 64 -6.99 2.82 14.92
CA ILE B 64 -7.40 3.87 13.94
C ILE B 64 -8.31 4.89 14.63
N TYR B 65 -9.02 4.50 15.69
CA TYR B 65 -9.91 5.41 16.45
C TYR B 65 -9.11 6.55 17.11
N GLY B 66 -7.81 6.34 17.35
CA GLY B 66 -6.87 7.39 17.77
C GLY B 66 -7.08 8.69 17.01
N LEU B 67 -7.36 8.63 15.71
CA LEU B 67 -7.35 9.81 14.81
C LEU B 67 -8.53 10.74 15.13
N LEU B 68 -9.52 10.26 15.89
CA LEU B 68 -10.67 11.04 16.41
C LEU B 68 -10.29 11.78 17.70
N ALA B 69 -9.14 11.47 18.29
CA ALA B 69 -8.69 12.02 19.60
C ALA B 69 -7.16 12.23 19.62
N ARG B 70 -6.64 12.97 18.65
CA ARG B 70 -5.18 13.33 18.48
C ARG B 70 -4.61 13.85 19.80
N ASP B 71 -5.35 14.66 20.53
CA ASP B 71 -4.95 15.18 21.86
C ASP B 71 -4.46 14.03 22.75
N ARG B 72 -5.24 12.95 22.84
N ARG B 72 -5.24 12.95 22.84
CA ARG B 72 -4.98 11.79 23.74
CA ARG B 72 -4.99 11.80 23.74
C ARG B 72 -4.62 10.56 22.91
C ARG B 72 -4.63 10.56 22.90
N PHE B 73 -3.98 10.78 21.75
CA PHE B 73 -3.64 9.73 20.75
C PHE B 73 -3.02 8.53 21.45
N ASP B 74 -1.87 8.73 22.10
CA ASP B 74 -1.06 7.66 22.72
C ASP B 74 -1.86 6.91 23.79
N GLU B 75 -2.60 7.64 24.64
CA GLU B 75 -3.35 7.09 25.82
C GLU B 75 -4.52 6.25 25.30
N LEU B 76 -5.28 6.80 24.36
CA LEU B 76 -6.45 6.11 23.75
C LEU B 76 -5.98 4.80 23.10
N ILE B 77 -4.88 4.82 22.35
CA ILE B 77 -4.36 3.60 21.67
C ILE B 77 -3.89 2.60 22.73
N GLN B 78 -3.31 3.08 23.84
CA GLN B 78 -2.85 2.19 24.93
C GLN B 78 -4.06 1.48 25.53
N PHE B 79 -5.16 2.20 25.72
CA PHE B 79 -6.42 1.61 26.25
C PHE B 79 -6.94 0.57 25.27
N ILE B 80 -7.06 0.93 23.99
CA ILE B 80 -7.66 0.06 22.95
C ILE B 80 -6.83 -1.22 22.82
N ILE B 81 -5.50 -1.11 22.78
CA ILE B 81 -4.56 -2.24 22.64
C ILE B 81 -4.68 -3.13 23.89
N ALA B 82 -4.71 -2.55 25.09
CA ALA B 82 -4.76 -3.30 26.37
C ALA B 82 -6.05 -4.13 26.42
N TYR B 83 -7.17 -3.49 26.10
CA TYR B 83 -8.50 -4.14 26.13
C TYR B 83 -8.55 -5.23 25.06
N GLN B 84 -8.07 -4.92 23.86
CA GLN B 84 -8.17 -5.87 22.73
C GLN B 84 -7.26 -7.06 23.00
N ILE B 85 -6.04 -6.83 23.49
CA ILE B 85 -5.10 -7.93 23.87
C ILE B 85 -5.82 -8.80 24.91
N MET B 86 -6.44 -8.18 25.91
CA MET B 86 -7.19 -8.94 26.95
C MET B 86 -8.25 -9.80 26.28
N CYS B 87 -9.04 -9.22 25.37
CA CYS B 87 -10.10 -9.96 24.65
C CYS B 87 -9.51 -11.18 23.93
N ASP B 88 -8.42 -11.02 23.18
CA ASP B 88 -7.87 -12.11 22.32
C ASP B 88 -7.21 -13.17 23.21
N TYR B 89 -6.64 -12.75 24.34
CA TYR B 89 -6.01 -13.66 25.32
C TYR B 89 -7.11 -14.51 25.96
N LEU B 90 -8.14 -13.87 26.50
CA LEU B 90 -9.30 -14.59 27.13
C LEU B 90 -9.95 -15.54 26.13
N ASP B 91 -10.09 -15.11 24.87
CA ASP B 91 -10.67 -15.93 23.78
C ASP B 91 -9.84 -17.22 23.62
N ASN B 92 -8.52 -17.11 23.59
CA ASN B 92 -7.60 -18.28 23.56
C ASN B 92 -7.80 -19.16 24.82
N LEU B 93 -7.87 -18.57 26.01
CA LEU B 93 -7.99 -19.38 27.26
C LEU B 93 -9.27 -20.21 27.22
N CYS B 94 -10.36 -19.63 26.74
CA CYS B 94 -11.71 -20.26 26.73
C CYS B 94 -11.79 -21.29 25.61
N ASP B 95 -11.15 -21.03 24.47
CA ASP B 95 -11.16 -21.94 23.29
C ASP B 95 -10.40 -23.23 23.61
N GLN B 96 -9.29 -23.12 24.33
CA GLN B 96 -8.29 -24.20 24.49
C GLN B 96 -8.40 -24.84 25.87
N SER B 97 -9.39 -24.45 26.68
CA SER B 97 -9.72 -25.08 27.98
C SER B 97 -10.10 -26.55 27.74
N ASP B 98 -9.53 -27.45 28.54
CA ASP B 98 -9.85 -28.89 28.54
C ASP B 98 -11.07 -29.14 29.42
N TYR B 99 -11.56 -28.13 30.14
CA TYR B 99 -12.55 -28.32 31.25
C TYR B 99 -13.84 -27.52 31.06
N LEU B 100 -13.93 -26.67 30.03
CA LEU B 100 -15.16 -26.04 29.49
C LEU B 100 -16.14 -25.57 30.58
N ASP B 101 -15.62 -24.97 31.66
CA ASP B 101 -16.38 -24.51 32.85
C ASP B 101 -16.85 -23.07 32.66
N PRO B 102 -18.17 -22.81 32.57
CA PRO B 102 -18.68 -21.44 32.43
C PRO B 102 -18.37 -20.48 33.60
N LYS B 103 -18.06 -21.00 34.79
CA LYS B 103 -17.58 -20.15 35.92
C LYS B 103 -16.22 -19.55 35.55
N ASP B 104 -15.39 -20.35 34.89
CA ASP B 104 -14.02 -19.96 34.47
C ASP B 104 -14.15 -18.90 33.36
N PHE B 105 -14.99 -19.15 32.37
CA PHE B 105 -15.19 -18.24 31.21
C PHE B 105 -15.70 -16.91 31.71
N ARG B 106 -16.66 -16.95 32.65
CA ARG B 106 -17.34 -15.76 33.21
C ARG B 106 -16.34 -14.98 34.05
N SER B 107 -15.63 -15.70 34.94
CA SER B 107 -14.60 -15.14 35.84
C SER B 107 -13.53 -14.43 34.99
N LEU B 108 -13.03 -15.09 33.96
CA LEU B 108 -12.03 -14.49 33.02
C LEU B 108 -12.59 -13.23 32.39
N HIS B 109 -13.82 -13.27 31.86
CA HIS B 109 -14.38 -12.11 31.11
C HIS B 109 -14.76 -10.98 32.08
N ASN B 110 -14.81 -11.28 33.38
CA ASN B 110 -15.03 -10.24 34.44
C ASN B 110 -13.84 -9.28 34.49
N ALA B 111 -12.66 -9.70 34.01
CA ALA B 111 -11.46 -8.84 33.84
C ALA B 111 -11.80 -7.63 32.95
N LEU B 112 -12.58 -7.84 31.89
CA LEU B 112 -12.96 -6.74 30.96
C LEU B 112 -13.82 -5.73 31.73
N LEU B 113 -14.71 -6.20 32.61
CA LEU B 113 -15.60 -5.29 33.40
C LEU B 113 -14.70 -4.48 34.37
N ALA B 114 -13.71 -5.11 34.99
CA ALA B 114 -12.76 -4.48 35.95
C ALA B 114 -11.97 -3.38 35.22
N ALA B 115 -11.49 -3.68 34.00
CA ALA B 115 -10.77 -2.75 33.12
C ALA B 115 -11.57 -1.46 32.90
N LEU B 116 -12.90 -1.55 32.94
CA LEU B 116 -13.84 -0.42 32.71
C LEU B 116 -14.37 0.14 34.03
N THR B 117 -13.83 -0.30 35.16
CA THR B 117 -14.31 0.08 36.51
C THR B 117 -13.11 0.47 37.36
N PRO B 118 -12.54 1.66 37.13
CA PRO B 118 -11.38 2.10 37.90
C PRO B 118 -11.75 2.21 39.39
N GLY B 119 -10.74 1.96 40.23
CA GLY B 119 -10.80 2.17 41.69
C GLY B 119 -11.48 1.04 42.42
N GLU B 120 -11.66 -0.10 41.75
CA GLU B 120 -12.35 -1.27 42.35
C GLU B 120 -11.34 -2.41 42.41
N PRO B 121 -11.29 -3.14 43.56
CA PRO B 121 -10.26 -4.15 43.79
C PRO B 121 -10.43 -5.36 42.86
N LEU B 122 -9.32 -6.03 42.55
CA LEU B 122 -9.25 -7.12 41.54
C LEU B 122 -9.32 -8.48 42.24
N VAL B 123 -9.92 -9.46 41.56
CA VAL B 123 -9.95 -10.88 42.03
C VAL B 123 -8.88 -11.67 41.28
N ASN B 124 -8.68 -12.91 41.73
CA ASN B 124 -8.01 -13.97 40.93
C ASN B 124 -8.96 -14.39 39.80
N TYR B 125 -8.81 -13.82 38.60
CA TYR B 125 -9.69 -14.14 37.44
C TYR B 125 -9.53 -15.61 37.05
N TYR B 126 -8.43 -16.26 37.43
CA TYR B 126 -8.13 -17.69 37.13
C TYR B 126 -8.63 -18.64 38.22
N GLN B 127 -9.43 -18.13 39.16
CA GLN B 127 -9.83 -18.86 40.40
C GLN B 127 -10.59 -20.15 40.08
N TYR B 128 -11.19 -20.29 38.90
CA TYR B 128 -12.01 -21.49 38.58
C TYR B 128 -11.24 -22.47 37.69
N ARG B 129 -9.95 -22.27 37.44
CA ARG B 129 -9.18 -23.20 36.56
C ARG B 129 -7.86 -23.57 37.24
N ILE B 130 -7.20 -24.60 36.69
CA ILE B 130 -5.91 -25.17 37.17
C ILE B 130 -4.82 -24.08 37.07
N GLU B 131 -4.67 -23.44 35.92
CA GLU B 131 -3.54 -22.52 35.66
C GLU B 131 -3.88 -21.15 36.26
N GLN B 132 -3.01 -20.61 37.11
CA GLN B 132 -3.26 -19.38 37.88
C GLN B 132 -2.06 -18.42 37.88
N GLU B 133 -0.84 -18.88 37.56
CA GLU B 133 0.37 -18.05 37.80
C GLU B 133 0.73 -17.34 36.48
N ASP B 134 0.29 -16.10 36.33
CA ASP B 134 0.46 -15.27 35.10
C ASP B 134 1.36 -14.09 35.40
N GLY B 135 1.84 -13.98 36.65
CA GLY B 135 2.81 -12.96 37.10
C GLY B 135 2.25 -11.55 37.02
N GLY B 136 0.93 -11.40 37.09
CA GLY B 136 0.27 -10.08 37.06
C GLY B 136 -0.06 -9.60 35.65
N TYR B 137 0.16 -10.44 34.62
CA TYR B 137 -0.11 -10.08 33.20
C TYR B 137 -1.52 -9.50 33.05
N LEU B 138 -2.53 -10.23 33.53
CA LEU B 138 -3.95 -9.86 33.33
C LEU B 138 -4.28 -8.64 34.21
N HIS B 139 -3.78 -8.60 35.44
CA HIS B 139 -3.99 -7.44 36.35
C HIS B 139 -3.37 -6.18 35.71
N GLU B 140 -2.20 -6.30 35.08
CA GLU B 140 -1.52 -5.15 34.42
C GLU B 140 -2.32 -4.66 33.21
N LEU B 141 -2.89 -5.59 32.44
CA LEU B 141 -3.78 -5.20 31.30
C LEU B 141 -4.97 -4.42 31.87
N ILE B 142 -5.60 -4.92 32.93
CA ILE B 142 -6.76 -4.25 33.58
C ILE B 142 -6.33 -2.85 34.04
N GLU B 143 -5.25 -2.79 34.83
CA GLU B 143 -4.74 -1.55 35.47
C GLU B 143 -4.42 -0.52 34.39
N THR B 144 -3.86 -0.95 33.25
CA THR B 144 -3.51 -0.05 32.12
C THR B 144 -4.79 0.67 31.67
N CYS B 145 -5.89 -0.09 31.48
CA CYS B 145 -7.18 0.49 31.03
C CYS B 145 -7.71 1.44 32.10
N GLN B 146 -7.73 1.01 33.35
CA GLN B 146 -8.29 1.81 34.48
C GLN B 146 -7.56 3.16 34.55
N HIS B 147 -6.23 3.14 34.47
CA HIS B 147 -5.36 4.32 34.68
C HIS B 147 -5.52 5.29 33.51
N ILE B 148 -5.82 4.82 32.30
CA ILE B 148 -6.08 5.72 31.14
C ILE B 148 -7.50 6.29 31.21
N LEU B 149 -8.51 5.45 31.48
CA LEU B 149 -9.94 5.87 31.36
C LEU B 149 -10.25 6.98 32.38
N VAL B 150 -9.64 6.92 33.58
N VAL B 150 -9.62 6.91 33.54
CA VAL B 150 -9.90 7.91 34.67
CA VAL B 150 -9.85 7.85 34.67
C VAL B 150 -9.44 9.29 34.21
C VAL B 150 -9.39 9.26 34.25
N THR B 151 -8.43 9.36 33.33
CA THR B 151 -7.90 10.66 32.81
C THR B 151 -8.81 11.26 31.73
N PHE B 152 -9.80 10.52 31.25
CA PHE B 152 -10.73 10.97 30.17
C PHE B 152 -11.86 11.77 30.81
N PRO B 153 -12.02 13.06 30.44
CA PRO B 153 -12.90 13.96 31.18
C PRO B 153 -14.38 13.57 31.11
N SER B 154 -14.80 12.88 30.05
CA SER B 154 -16.20 12.41 29.88
C SER B 154 -16.29 10.89 30.05
N PHE B 155 -15.26 10.22 30.59
CA PHE B 155 -15.34 8.77 30.86
C PHE B 155 -16.60 8.45 31.67
N ARG B 156 -16.87 9.21 32.73
CA ARG B 156 -17.98 8.92 33.67
C ARG B 156 -19.32 8.83 32.92
N MET B 157 -19.53 9.70 31.93
N MET B 157 -19.50 9.68 31.90
CA MET B 157 -20.80 9.76 31.15
CA MET B 157 -20.75 9.79 31.12
C MET B 157 -20.95 8.50 30.27
C MET B 157 -20.93 8.64 30.12
N VAL B 158 -19.86 7.91 29.76
CA VAL B 158 -19.93 6.76 28.81
C VAL B 158 -19.75 5.42 29.54
N GLN B 159 -19.34 5.42 30.81
CA GLN B 159 -18.91 4.16 31.52
C GLN B 159 -20.05 3.15 31.52
N GLU B 160 -21.28 3.57 31.82
CA GLU B 160 -22.46 2.66 31.86
C GLU B 160 -22.64 1.97 30.49
N ASN B 161 -22.63 2.73 29.40
CA ASN B 161 -22.81 2.20 28.02
C ASN B 161 -21.68 1.22 27.69
N MET B 162 -20.44 1.56 28.04
CA MET B 162 -19.24 0.71 27.83
C MET B 162 -19.40 -0.59 28.60
N LEU B 163 -19.75 -0.51 29.88
CA LEU B 163 -19.93 -1.71 30.74
C LEU B 163 -21.06 -2.56 30.16
N GLU B 164 -22.09 -1.92 29.60
CA GLU B 164 -23.23 -2.67 29.02
C GLU B 164 -22.70 -3.52 27.87
N LEU B 165 -21.92 -2.93 26.95
CA LEU B 165 -21.39 -3.65 25.76
C LEU B 165 -20.40 -4.72 26.22
N SER B 166 -19.55 -4.42 27.20
CA SER B 166 -18.55 -5.37 27.77
C SER B 166 -19.28 -6.56 28.42
N GLN B 167 -20.39 -6.32 29.11
CA GLN B 167 -21.18 -7.37 29.79
C GLN B 167 -21.75 -8.33 28.73
N LEU B 168 -22.34 -7.78 27.64
CA LEU B 168 -22.97 -8.60 26.57
C LEU B 168 -21.88 -9.43 25.86
N TYR B 169 -20.73 -8.81 25.57
CA TYR B 169 -19.54 -9.47 24.98
C TYR B 169 -19.07 -10.62 25.88
N GLY B 170 -18.92 -10.34 27.17
CA GLY B 170 -18.58 -11.37 28.18
C GLY B 170 -19.61 -12.49 28.18
N ASP B 171 -20.89 -12.14 28.15
CA ASP B 171 -21.99 -13.14 28.19
C ASP B 171 -21.84 -14.07 27.00
N LEU B 172 -21.66 -13.50 25.80
CA LEU B 172 -21.51 -14.27 24.54
C LEU B 172 -20.35 -15.25 24.68
N GLN B 173 -19.20 -14.79 25.18
CA GLN B 173 -17.98 -15.64 25.26
C GLN B 173 -18.25 -16.78 26.25
N VAL B 174 -18.95 -16.51 27.34
CA VAL B 174 -19.33 -17.55 28.35
C VAL B 174 -20.13 -18.64 27.63
N HIS B 175 -21.24 -18.26 26.99
CA HIS B 175 -22.23 -19.21 26.40
C HIS B 175 -21.63 -19.93 25.20
N LYS B 176 -20.81 -19.27 24.37
CA LYS B 176 -20.43 -19.91 23.08
C LYS B 176 -19.32 -20.92 23.34
N HIS B 177 -18.62 -20.87 24.47
CA HIS B 177 -17.41 -21.70 24.73
C HIS B 177 -17.74 -22.95 25.54
N VAL B 178 -18.95 -23.09 26.07
CA VAL B 178 -19.32 -24.31 26.87
C VAL B 178 -19.34 -25.54 25.93
N VAL B 179 -19.43 -26.73 26.52
CA VAL B 179 -19.58 -28.01 25.76
C VAL B 179 -20.70 -27.83 24.72
N LYS B 180 -20.49 -28.37 23.52
CA LYS B 180 -21.27 -28.07 22.29
C LYS B 180 -22.78 -28.12 22.58
N GLU B 181 -23.22 -29.11 23.34
N GLU B 181 -23.21 -29.08 23.39
CA GLU B 181 -24.67 -29.44 23.50
CA GLU B 181 -24.64 -29.41 23.64
C GLU B 181 -25.41 -28.33 24.26
C GLU B 181 -25.33 -28.29 24.43
N GLU B 182 -24.70 -27.50 25.04
N GLU B 182 -24.58 -27.46 25.18
CA GLU B 182 -25.36 -26.51 25.93
CA GLU B 182 -25.20 -26.44 26.07
C GLU B 182 -25.20 -25.07 25.41
C GLU B 182 -25.21 -25.05 25.42
N ARG B 183 -24.59 -24.88 24.24
CA ARG B 183 -24.38 -23.54 23.63
C ARG B 183 -25.71 -22.89 23.24
N ILE B 184 -26.46 -23.52 22.34
CA ILE B 184 -27.64 -22.86 21.74
C ILE B 184 -28.69 -22.59 22.81
N PRO B 185 -28.97 -23.55 23.73
CA PRO B 185 -29.87 -23.29 24.87
C PRO B 185 -29.47 -22.09 25.74
N ARG B 186 -28.19 -21.93 26.06
CA ARG B 186 -27.70 -20.76 26.82
C ARG B 186 -27.91 -19.50 25.94
N LEU B 187 -27.47 -19.56 24.68
CA LEU B 187 -27.58 -18.38 23.77
C LEU B 187 -29.05 -17.97 23.58
N GLU B 188 -29.95 -18.92 23.34
CA GLU B 188 -31.41 -18.64 23.18
C GLU B 188 -31.99 -18.09 24.49
N ALA B 189 -31.67 -18.71 25.62
CA ALA B 189 -32.13 -18.28 26.97
C ALA B 189 -31.65 -16.85 27.22
N TRP B 190 -30.37 -16.59 26.92
CA TRP B 190 -29.72 -15.27 27.13
C TRP B 190 -30.41 -14.21 26.25
N PHE B 191 -30.59 -14.50 24.96
CA PHE B 191 -31.27 -13.58 24.01
C PHE B 191 -32.69 -13.26 24.53
N ASN B 192 -33.38 -14.28 25.04
CA ASN B 192 -34.79 -14.13 25.47
C ASN B 192 -34.85 -13.12 26.63
N GLU B 193 -33.82 -13.05 27.48
CA GLU B 193 -33.75 -12.04 28.58
C GLU B 193 -33.66 -10.63 27.99
N HIS B 194 -33.09 -10.48 26.79
CA HIS B 194 -32.75 -9.18 26.15
C HIS B 194 -33.69 -8.86 24.98
N LYS B 195 -34.42 -9.86 24.49
CA LYS B 195 -35.26 -9.83 23.26
C LYS B 195 -36.15 -8.58 23.24
N GLU B 196 -36.75 -8.21 24.38
CA GLU B 196 -37.82 -7.18 24.43
C GLU B 196 -37.23 -5.78 24.27
N LYS B 197 -35.95 -5.57 24.63
CA LYS B 197 -35.29 -4.24 24.58
C LYS B 197 -34.47 -4.12 23.27
N MET B 198 -34.48 -5.15 22.42
CA MET B 198 -33.71 -5.20 21.15
C MET B 198 -34.68 -5.09 19.96
N PRO B 199 -34.23 -4.51 18.83
CA PRO B 199 -34.97 -4.63 17.58
C PRO B 199 -35.13 -6.11 17.21
N GLU B 200 -36.13 -6.38 16.38
CA GLU B 200 -36.50 -7.73 15.93
C GLU B 200 -35.27 -8.38 15.26
N MET B 201 -34.86 -9.54 15.76
CA MET B 201 -33.75 -10.37 15.21
C MET B 201 -33.79 -11.72 15.92
N THR B 202 -32.99 -12.68 15.42
CA THR B 202 -32.86 -14.05 15.97
C THR B 202 -31.85 -14.04 17.12
N TRP B 203 -31.78 -15.14 17.86
CA TRP B 203 -30.81 -15.36 18.96
C TRP B 203 -29.38 -15.34 18.37
N PHE B 204 -29.20 -15.92 17.18
CA PHE B 204 -27.89 -16.03 16.50
C PHE B 204 -27.49 -14.67 15.88
N GLU B 205 -28.44 -13.85 15.41
CA GLU B 205 -28.15 -12.46 14.95
C GLU B 205 -27.73 -11.59 16.15
N PHE B 206 -28.46 -11.67 17.27
CA PHE B 206 -28.16 -10.95 18.54
C PHE B 206 -26.73 -11.27 18.98
N SER B 207 -26.39 -12.54 18.94
CA SER B 207 -25.06 -13.08 19.30
C SER B 207 -23.97 -12.36 18.50
N ALA B 208 -24.15 -12.27 17.17
CA ALA B 208 -23.28 -11.53 16.23
C ALA B 208 -23.12 -10.09 16.73
N CYS B 209 -24.22 -9.42 17.05
CA CYS B 209 -24.26 -7.99 17.48
C CYS B 209 -23.42 -7.72 18.72
N THR B 210 -23.25 -8.70 19.61
CA THR B 210 -22.60 -8.52 20.92
C THR B 210 -21.10 -8.82 20.84
N GLY B 211 -20.60 -9.39 19.73
CA GLY B 211 -19.27 -10.02 19.68
C GLY B 211 -18.17 -9.10 19.19
N SER B 212 -18.48 -7.83 18.90
CA SER B 212 -17.50 -6.82 18.43
C SER B 212 -17.12 -5.92 19.62
N THR B 213 -15.93 -5.30 19.54
CA THR B 213 -15.40 -4.35 20.56
C THR B 213 -15.43 -2.91 20.02
N LEU B 214 -15.99 -2.67 18.84
CA LEU B 214 -15.95 -1.34 18.17
C LEU B 214 -16.67 -0.29 19.03
N GLY B 215 -17.80 -0.65 19.62
CA GLY B 215 -18.63 0.23 20.46
C GLY B 215 -17.86 0.75 21.66
N VAL B 216 -17.19 -0.15 22.37
CA VAL B 216 -16.29 0.15 23.51
C VAL B 216 -15.21 1.14 23.06
N TYR B 217 -14.54 0.91 21.95
CA TYR B 217 -13.42 1.79 21.50
C TYR B 217 -13.97 3.18 21.12
N THR B 218 -15.10 3.22 20.42
CA THR B 218 -15.79 4.45 19.97
C THR B 218 -16.23 5.27 21.18
N LEU B 219 -16.85 4.63 22.19
CA LEU B 219 -17.28 5.32 23.43
C LEU B 219 -16.04 5.85 24.16
N ALA B 220 -15.00 5.03 24.31
CA ALA B 220 -13.72 5.45 24.91
C ALA B 220 -13.20 6.67 24.14
N THR B 221 -13.28 6.67 22.80
CA THR B 221 -12.78 7.77 21.94
C THR B 221 -13.53 9.07 22.32
N TYR B 222 -14.85 9.04 22.49
CA TYR B 222 -15.66 10.26 22.78
C TYR B 222 -15.62 10.61 24.28
N ALA B 223 -15.13 9.70 25.13
CA ALA B 223 -14.80 9.98 26.55
C ALA B 223 -13.68 11.03 26.64
N THR B 224 -12.84 11.16 25.61
CA THR B 224 -11.69 12.11 25.60
C THR B 224 -12.16 13.56 25.42
N LYS B 225 -13.45 13.82 25.15
CA LYS B 225 -14.02 15.18 24.94
C LYS B 225 -14.63 15.72 26.25
N GLU B 226 -14.52 17.03 26.49
CA GLU B 226 -15.13 17.75 27.66
C GLU B 226 -16.64 17.83 27.45
N GLY B 227 -17.44 17.53 28.48
CA GLY B 227 -18.87 17.92 28.57
C GLY B 227 -19.76 17.15 27.60
N LEU B 228 -19.46 15.86 27.39
CA LEU B 228 -20.34 14.91 26.70
C LEU B 228 -21.59 14.71 27.58
N THR B 229 -22.79 14.77 27.01
CA THR B 229 -24.06 14.54 27.76
C THR B 229 -24.42 13.06 27.70
N SER B 230 -25.32 12.63 28.58
CA SER B 230 -25.91 11.26 28.56
C SER B 230 -26.53 10.98 27.19
N GLU B 231 -27.30 11.94 26.66
CA GLU B 231 -27.95 11.88 25.32
C GLU B 231 -26.90 11.51 24.27
N GLN B 232 -25.82 12.28 24.18
CA GLN B 232 -24.73 12.07 23.18
C GLN B 232 -24.07 10.70 23.40
N ALA B 233 -23.88 10.28 24.66
CA ALA B 233 -23.27 8.97 24.98
C ALA B 233 -24.19 7.84 24.46
N ASP B 234 -25.50 8.01 24.60
CA ASP B 234 -26.51 7.02 24.12
C ASP B 234 -26.52 7.00 22.59
N VAL B 235 -26.42 8.17 21.94
CA VAL B 235 -26.30 8.27 20.46
C VAL B 235 -25.08 7.47 19.99
N ILE B 236 -23.92 7.76 20.56
CA ILE B 236 -22.62 7.12 20.17
C ILE B 236 -22.76 5.61 20.29
N LYS B 237 -23.29 5.10 21.40
CA LYS B 237 -23.45 3.65 21.64
C LYS B 237 -24.37 3.06 20.56
N ALA B 238 -25.52 3.71 20.30
CA ALA B 238 -26.54 3.28 19.31
C ALA B 238 -25.99 3.36 17.88
N GLY B 239 -24.97 4.18 17.63
CA GLY B 239 -24.30 4.32 16.33
C GLY B 239 -23.58 3.04 15.89
N TYR B 240 -23.11 2.24 16.86
CA TYR B 240 -22.34 1.00 16.64
C TYR B 240 -23.15 -0.23 17.04
N PHE B 241 -23.98 -0.11 18.07
CA PHE B 241 -24.75 -1.24 18.61
C PHE B 241 -26.23 -1.04 18.31
N PRO B 242 -26.95 -2.07 17.80
CA PRO B 242 -26.34 -3.36 17.45
C PRO B 242 -25.85 -3.64 16.02
N TRP B 243 -26.21 -2.78 15.07
CA TRP B 243 -26.19 -3.04 13.61
C TRP B 243 -24.75 -3.12 13.10
N VAL B 244 -23.91 -2.15 13.45
CA VAL B 244 -22.49 -2.11 12.98
C VAL B 244 -21.75 -3.31 13.56
N GLN B 245 -21.87 -3.57 14.87
CA GLN B 245 -21.21 -4.74 15.52
C GLN B 245 -21.73 -6.02 14.86
N GLY B 246 -23.02 -6.07 14.52
CA GLY B 246 -23.63 -7.25 13.88
C GLY B 246 -23.00 -7.52 12.52
N VAL B 247 -22.88 -6.49 11.69
CA VAL B 247 -22.29 -6.63 10.32
C VAL B 247 -20.85 -7.13 10.46
N HIS B 248 -20.11 -6.54 11.39
CA HIS B 248 -18.70 -6.90 11.65
C HIS B 248 -18.61 -8.42 11.90
N LEU B 249 -19.41 -8.98 12.82
CA LEU B 249 -19.33 -10.42 13.15
C LEU B 249 -19.95 -11.29 12.04
N LEU B 250 -21.11 -10.91 11.50
CA LEU B 250 -21.74 -11.69 10.40
C LEU B 250 -20.73 -11.86 9.26
N LEU B 251 -19.98 -10.81 8.94
CA LEU B 251 -18.96 -10.78 7.86
C LEU B 251 -17.81 -11.72 8.23
N ASP B 252 -17.37 -11.68 9.49
CA ASP B 252 -16.34 -12.62 10.00
C ASP B 252 -16.81 -14.07 9.77
N TYR B 253 -18.05 -14.37 10.13
CA TYR B 253 -18.63 -15.74 10.06
C TYR B 253 -18.74 -16.15 8.58
N PHE B 254 -19.13 -15.21 7.71
CA PHE B 254 -19.29 -15.43 6.24
C PHE B 254 -17.98 -15.94 5.65
N ILE B 255 -16.90 -15.25 5.99
CA ILE B 255 -15.55 -15.50 5.41
C ILE B 255 -15.02 -16.86 5.87
N ASP B 256 -15.41 -17.31 7.07
CA ASP B 256 -14.83 -18.49 7.77
C ASP B 256 -15.75 -19.72 7.63
N GLN B 257 -16.78 -19.66 6.78
CA GLN B 257 -17.78 -20.75 6.62
C GLN B 257 -17.09 -22.10 6.36
N GLU B 258 -16.18 -22.19 5.36
CA GLU B 258 -15.43 -23.42 4.99
C GLU B 258 -14.55 -23.87 6.17
N GLU B 259 -13.82 -22.94 6.80
CA GLU B 259 -13.02 -23.18 8.04
C GLU B 259 -13.91 -23.80 9.12
N ASP B 260 -14.97 -23.10 9.52
CA ASP B 260 -15.89 -23.49 10.63
C ASP B 260 -16.54 -24.84 10.31
N ILE B 261 -16.85 -25.11 9.03
CA ILE B 261 -17.33 -26.44 8.55
C ILE B 261 -16.27 -27.51 8.85
N ALA B 262 -15.03 -27.29 8.38
CA ALA B 262 -13.90 -28.26 8.42
C ALA B 262 -13.41 -28.50 9.86
N ASP B 263 -13.45 -27.49 10.73
CA ASP B 263 -12.97 -27.56 12.15
C ASP B 263 -14.16 -27.80 13.09
N ASP B 264 -15.39 -27.82 12.54
CA ASP B 264 -16.66 -28.05 13.28
C ASP B 264 -16.82 -26.99 14.38
N GLU B 265 -16.63 -25.71 14.03
CA GLU B 265 -16.78 -24.53 14.93
C GLU B 265 -18.21 -23.99 14.82
N LEU B 266 -18.71 -23.38 15.89
CA LEU B 266 -20.03 -22.70 15.91
C LEU B 266 -19.98 -21.50 14.95
N ASN B 267 -20.94 -21.41 14.04
CA ASN B 267 -21.03 -20.34 13.01
C ASN B 267 -22.50 -19.93 12.92
N PHE B 268 -22.79 -18.70 13.35
CA PHE B 268 -24.17 -18.21 13.57
C PHE B 268 -24.93 -18.14 12.24
N LEU B 269 -24.24 -18.08 11.09
CA LEU B 269 -24.89 -17.94 9.76
C LEU B 269 -25.67 -19.21 9.43
N PHE B 270 -25.25 -20.35 9.96
CA PHE B 270 -25.77 -21.71 9.63
C PHE B 270 -27.18 -21.91 10.15
N TYR B 271 -27.69 -21.00 10.99
CA TYR B 271 -29.01 -21.11 11.67
C TYR B 271 -30.06 -20.29 10.93
N TYR B 272 -29.66 -19.56 9.89
CA TYR B 272 -30.63 -19.01 8.91
C TYR B 272 -31.30 -20.22 8.24
N GLU B 273 -32.55 -20.10 7.84
CA GLU B 273 -33.30 -21.25 7.30
C GLU B 273 -32.82 -21.55 5.88
N ASN B 274 -32.22 -20.56 5.20
CA ASN B 274 -31.58 -20.77 3.87
C ASN B 274 -30.67 -19.57 3.53
N GLU B 275 -29.83 -19.76 2.52
CA GLU B 275 -28.87 -18.76 2.00
C GLU B 275 -29.58 -17.44 1.69
N GLU B 276 -30.78 -17.50 1.10
CA GLU B 276 -31.48 -16.29 0.58
C GLU B 276 -31.90 -15.42 1.77
N GLN B 277 -32.31 -16.05 2.87
CA GLN B 277 -32.68 -15.37 4.13
C GLN B 277 -31.43 -14.73 4.70
N MET B 278 -30.32 -15.47 4.71
CA MET B 278 -29.01 -14.99 5.20
C MET B 278 -28.65 -13.69 4.47
N ILE B 279 -28.66 -13.72 3.14
CA ILE B 279 -28.26 -12.56 2.28
C ILE B 279 -29.21 -11.39 2.59
N GLU B 280 -30.51 -11.66 2.59
CA GLU B 280 -31.56 -10.64 2.81
C GLU B 280 -31.36 -9.94 4.17
N ARG B 281 -31.18 -10.70 5.25
CA ARG B 281 -30.94 -10.15 6.61
C ARG B 281 -29.59 -9.42 6.64
N PHE B 282 -28.55 -9.94 5.98
CA PHE B 282 -27.24 -9.23 5.91
C PHE B 282 -27.45 -7.82 5.30
N GLN B 283 -28.13 -7.77 4.15
CA GLN B 283 -28.47 -6.51 3.43
C GLN B 283 -29.21 -5.56 4.38
N TYR B 284 -30.16 -6.06 5.16
CA TYR B 284 -30.96 -5.26 6.15
C TYR B 284 -30.02 -4.66 7.22
N PHE B 285 -29.18 -5.48 7.83
CA PHE B 285 -28.16 -5.04 8.83
C PHE B 285 -27.29 -3.94 8.24
N VAL B 286 -26.82 -4.14 7.02
CA VAL B 286 -25.99 -3.13 6.31
C VAL B 286 -26.77 -1.82 6.25
N GLN B 287 -28.02 -1.86 5.79
CA GLN B 287 -28.89 -0.64 5.67
C GLN B 287 -28.96 0.04 7.05
N LYS B 288 -29.33 -0.71 8.09
CA LYS B 288 -29.45 -0.18 9.47
C LYS B 288 -28.10 0.36 9.95
N ALA B 289 -27.01 -0.34 9.63
CA ALA B 289 -25.64 0.06 10.04
C ALA B 289 -25.27 1.39 9.38
N GLU B 290 -25.48 1.51 8.07
CA GLU B 290 -25.30 2.80 7.33
C GLU B 290 -26.10 3.90 8.06
N GLU B 291 -27.38 3.62 8.38
N GLU B 291 -27.36 3.60 8.42
CA GLU B 291 -28.27 4.59 9.06
CA GLU B 291 -28.30 4.56 9.05
C GLU B 291 -27.67 5.02 10.40
C GLU B 291 -27.82 4.99 10.45
N SER B 292 -27.30 4.07 11.26
CA SER B 292 -26.82 4.36 12.64
C SER B 292 -25.46 5.06 12.58
N LEU B 293 -24.59 4.72 11.63
CA LEU B 293 -23.28 5.41 11.51
C LEU B 293 -23.51 6.87 11.13
N SER B 294 -24.55 7.19 10.34
CA SER B 294 -24.81 8.57 9.84
C SER B 294 -25.27 9.50 10.98
N THR B 295 -25.62 8.97 12.16
CA THR B 295 -26.13 9.76 13.30
C THR B 295 -24.99 10.21 14.19
N LEU B 296 -23.76 9.81 13.87
CA LEU B 296 -22.57 10.00 14.76
C LEU B 296 -21.93 11.35 14.48
N PRO B 297 -21.15 11.91 15.43
CA PRO B 297 -20.21 12.98 15.12
C PRO B 297 -19.12 12.42 14.19
N ASP B 298 -18.62 13.24 13.26
CA ASP B 298 -17.55 12.87 12.31
C ASP B 298 -18.04 11.68 11.48
N PRO B 299 -19.25 11.76 10.89
CA PRO B 299 -19.88 10.62 10.25
C PRO B 299 -19.08 10.08 9.05
N LYS B 300 -18.34 10.96 8.37
CA LYS B 300 -17.54 10.58 7.17
C LYS B 300 -16.38 9.70 7.64
N PHE B 301 -15.76 10.04 8.76
CA PHE B 301 -14.68 9.22 9.34
C PHE B 301 -15.21 7.81 9.64
N HIS B 302 -16.31 7.71 10.39
CA HIS B 302 -16.96 6.42 10.77
C HIS B 302 -17.35 5.61 9.54
N ARG B 303 -17.90 6.25 8.51
N ARG B 303 -17.91 6.26 8.52
CA ARG B 303 -18.28 5.60 7.22
CA ARG B 303 -18.28 5.62 7.21
C ARG B 303 -17.02 5.00 6.58
C ARG B 303 -17.03 5.00 6.59
N HIS B 304 -15.94 5.78 6.49
CA HIS B 304 -14.65 5.37 5.89
C HIS B 304 -14.07 4.16 6.64
N ILE B 305 -13.99 4.21 7.97
CA ILE B 305 -13.42 3.10 8.79
C ILE B 305 -14.27 1.86 8.53
N TRP B 306 -15.58 2.02 8.53
CA TRP B 306 -16.51 0.88 8.35
C TRP B 306 -16.36 0.28 6.95
N ARG B 307 -16.23 1.09 5.90
CA ARG B 307 -16.08 0.60 4.51
C ARG B 307 -14.70 -0.07 4.38
N GLY B 308 -13.71 0.41 5.13
CA GLY B 308 -12.36 -0.19 5.20
C GLY B 308 -12.41 -1.56 5.83
N ILE B 309 -13.04 -1.69 7.01
CA ILE B 309 -13.28 -2.98 7.70
C ILE B 309 -13.82 -3.97 6.66
N ILE B 310 -14.90 -3.57 5.98
CA ILE B 310 -15.65 -4.43 5.04
C ILE B 310 -14.73 -4.82 3.87
N ALA B 311 -14.13 -3.84 3.22
CA ALA B 311 -13.20 -4.06 2.08
C ALA B 311 -12.10 -5.03 2.49
N ILE B 312 -11.48 -4.81 3.66
CA ILE B 312 -10.40 -5.72 4.17
C ILE B 312 -10.96 -7.13 4.33
N TYR B 313 -12.10 -7.29 5.00
CA TYR B 313 -12.72 -8.61 5.24
C TYR B 313 -12.98 -9.29 3.89
N LEU B 314 -13.62 -8.59 2.94
CA LEU B 314 -14.02 -9.19 1.66
C LEU B 314 -12.79 -9.45 0.75
N SER B 315 -11.69 -8.74 0.94
CA SER B 315 -10.43 -8.92 0.16
C SER B 315 -9.74 -10.25 0.52
N ASP B 316 -10.18 -10.94 1.58
CA ASP B 316 -9.60 -12.23 2.03
C ASP B 316 -9.60 -13.20 0.85
N GLU B 317 -8.50 -13.94 0.65
CA GLU B 317 -8.39 -14.99 -0.39
C GLU B 317 -9.52 -16.01 -0.21
N LYS B 318 -9.98 -16.25 1.03
CA LYS B 318 -11.14 -17.14 1.35
C LYS B 318 -12.38 -16.72 0.54
N VAL B 319 -12.48 -15.43 0.23
CA VAL B 319 -13.60 -14.90 -0.59
C VAL B 319 -13.15 -14.83 -2.04
N GLN B 320 -12.01 -14.20 -2.33
CA GLN B 320 -11.65 -13.76 -3.70
C GLN B 320 -11.29 -14.97 -4.59
N LYS B 321 -10.79 -16.06 -4.01
CA LYS B 321 -10.41 -17.28 -4.78
C LYS B 321 -11.59 -18.26 -4.91
N ASN B 322 -12.70 -18.02 -4.19
CA ASN B 322 -13.89 -18.90 -4.12
C ASN B 322 -15.04 -18.26 -4.91
N LYS B 323 -15.41 -18.90 -6.02
CA LYS B 323 -16.35 -18.33 -7.03
C LYS B 323 -17.69 -18.07 -6.37
N GLU B 324 -18.19 -19.04 -5.62
CA GLU B 324 -19.51 -18.96 -4.95
C GLU B 324 -19.46 -17.84 -3.91
N LEU B 325 -18.41 -17.79 -3.09
CA LEU B 325 -18.38 -16.80 -1.98
C LEU B 325 -18.24 -15.40 -2.58
N LYS B 326 -17.45 -15.25 -3.64
CA LYS B 326 -17.28 -13.94 -4.34
C LYS B 326 -18.65 -13.45 -4.83
N LYS B 327 -19.38 -14.35 -5.49
CA LYS B 327 -20.77 -14.14 -6.02
C LYS B 327 -21.66 -13.61 -4.89
N LYS B 328 -21.74 -14.35 -3.77
CA LYS B 328 -22.63 -14.01 -2.64
C LYS B 328 -22.18 -12.66 -2.02
N SER B 329 -20.88 -12.48 -1.84
CA SER B 329 -20.29 -11.27 -1.19
C SER B 329 -20.73 -10.01 -1.94
N LYS B 330 -20.76 -10.04 -3.27
CA LYS B 330 -21.09 -8.85 -4.11
C LYS B 330 -22.59 -8.58 -4.00
N GLN B 331 -23.39 -9.62 -3.76
CA GLN B 331 -24.83 -9.52 -3.51
C GLN B 331 -25.02 -8.89 -2.13
N MET B 332 -24.17 -9.26 -1.16
CA MET B 332 -24.34 -8.87 0.26
C MET B 332 -24.01 -7.40 0.45
N ILE B 333 -23.01 -6.88 -0.26
CA ILE B 333 -22.65 -5.45 -0.13
C ILE B 333 -21.88 -5.00 -1.37
N LYS B 334 -22.20 -3.79 -1.83
CA LYS B 334 -21.67 -3.15 -3.07
C LYS B 334 -20.46 -2.31 -2.65
N MET B 335 -19.26 -2.79 -2.97
CA MET B 335 -17.96 -2.23 -2.51
C MET B 335 -17.13 -1.78 -3.72
N GLY B 336 -17.70 -1.93 -4.92
CA GLY B 336 -16.98 -1.79 -6.21
C GLY B 336 -15.77 -2.72 -6.28
N GLY B 337 -14.67 -2.21 -6.84
CA GLY B 337 -13.45 -3.00 -7.09
C GLY B 337 -12.47 -3.00 -5.93
N LEU B 338 -12.84 -2.40 -4.79
CA LEU B 338 -11.90 -2.19 -3.67
C LEU B 338 -11.48 -3.53 -3.05
N PRO B 339 -12.37 -4.48 -2.69
CA PRO B 339 -11.91 -5.75 -2.14
C PRO B 339 -10.93 -6.47 -3.08
N SER B 340 -11.26 -6.49 -4.37
CA SER B 340 -10.43 -7.11 -5.44
C SER B 340 -9.05 -6.42 -5.50
N LEU B 341 -9.01 -5.08 -5.48
CA LEU B 341 -7.73 -4.32 -5.47
C LEU B 341 -6.90 -4.76 -4.26
N LEU B 342 -7.52 -4.80 -3.08
CA LEU B 342 -6.82 -5.16 -1.81
C LEU B 342 -6.26 -6.58 -1.90
N PHE B 343 -7.02 -7.50 -2.52
CA PHE B 343 -6.62 -8.92 -2.73
C PHE B 343 -5.34 -8.97 -3.59
N TYR B 344 -5.33 -8.30 -4.75
CA TYR B 344 -4.19 -8.38 -5.71
C TYR B 344 -2.98 -7.64 -5.15
N LEU B 345 -3.20 -6.57 -4.39
CA LEU B 345 -2.12 -5.84 -3.68
C LEU B 345 -1.49 -6.78 -2.64
N ASN B 346 -2.31 -7.38 -1.80
CA ASN B 346 -1.86 -8.34 -0.76
C ASN B 346 -1.15 -9.52 -1.44
N SER B 347 -1.73 -10.08 -2.50
CA SER B 347 -1.12 -11.19 -3.30
C SER B 347 0.27 -10.79 -3.78
N TRP B 348 0.43 -9.55 -4.22
CA TRP B 348 1.72 -9.04 -4.77
C TRP B 348 2.75 -8.90 -3.64
N ILE B 349 2.41 -8.19 -2.57
CA ILE B 349 3.32 -7.93 -1.41
C ILE B 349 3.81 -9.26 -0.80
N TYR B 350 2.94 -10.26 -0.65
CA TYR B 350 3.26 -11.51 0.09
C TYR B 350 3.51 -12.66 -0.89
N ARG B 351 4.05 -12.38 -2.07
CA ARG B 351 4.44 -13.42 -3.08
C ARG B 351 5.84 -13.93 -2.72
#